data_9PGQ
#
_entry.id   9PGQ
#
_cell.length_a   83.461
_cell.length_b   83.461
_cell.length_c   166.173
_cell.angle_alpha   90.00
_cell.angle_beta   90.00
_cell.angle_gamma   120.00
#
_symmetry.space_group_name_H-M   'P 31 2 1'
#
loop_
_entity.id
_entity.type
_entity.pdbx_description
1 polymer 'Glyceraldehyde-3-phosphate dehydrogenase'
2 non-polymer 'MAGNESIUM ION'
3 non-polymer 'TRIETHYLENE GLYCOL'
4 non-polymer DI(HYDROXYETHYL)ETHER
5 non-polymer '4-(2-HYDROXYETHYL)-1-PIPERAZINE ETHANESULFONIC ACID'
6 water water
#
_entity_poly.entity_id   1
_entity_poly.type   'polypeptide(L)'
_entity_poly.pdbx_seq_one_letter_code
;MAHHHHHHMTIRVVINGYGRIGRNILRAHYENGKKHDIEIVAINDLGDPKTNAHLTRFDTAHGKFPGTVTVDGDYMVVNG
DKIRVLANRNPAELPWGELGVDVVLECTGFFTSKEKAGAHLKGGAKKVIISAPGGKDVDATIVFGVNQNVLKAEHTVISN
ASCTTNCLAPLVKPLHDKLGVETGLMTTVHAYTNDQVLTDVYHEDLRRARSATMSMIPTKTGAAAAVGLVLPELNGKLDG
FAIRVPTINVSLVDLSFVAKRDTTVEEVNSILQAAAEGELKDILTYNTEPLVSIDFNHNPASSNFDATLTKVSGKLVKVS
SWYDNEWGFSNRMLDTTVALMSAK
;
_entity_poly.pdbx_strand_id   A,B
#
# COMPACT_ATOMS: atom_id res chain seq x y z
N HIS A 7 6.78 22.22 35.38
CA HIS A 7 8.22 22.44 35.05
C HIS A 7 8.70 23.88 35.36
N HIS A 8 9.93 23.99 35.87
CA HIS A 8 10.51 25.25 36.34
C HIS A 8 11.64 25.71 35.43
N MET A 9 11.73 27.04 35.22
CA MET A 9 12.65 27.66 34.25
C MET A 9 12.70 26.75 33.03
N THR A 10 11.55 26.69 32.38
CA THR A 10 11.27 25.72 31.32
CA THR A 10 11.19 25.74 31.33
C THR A 10 11.18 26.42 29.97
N ILE A 11 10.99 25.64 28.92
CA ILE A 11 10.71 26.16 27.59
C ILE A 11 9.21 26.41 27.49
N ARG A 12 8.81 27.64 27.25
CA ARG A 12 7.39 27.98 27.12
C ARG A 12 6.99 27.92 25.65
N VAL A 13 6.07 27.02 25.34
CA VAL A 13 5.61 26.74 23.98
CA VAL A 13 5.64 26.86 23.96
C VAL A 13 4.16 27.15 23.86
N VAL A 14 3.75 27.54 22.66
CA VAL A 14 2.34 27.69 22.32
C VAL A 14 2.07 26.95 21.02
N ILE A 15 0.82 26.56 20.84
CA ILE A 15 0.39 25.85 19.65
C ILE A 15 -0.52 26.76 18.85
N ASN A 16 -0.11 27.08 17.63
CA ASN A 16 -0.93 27.85 16.71
C ASN A 16 -1.60 26.86 15.78
N GLY A 17 -2.91 26.71 15.94
CA GLY A 17 -3.66 25.74 15.19
C GLY A 17 -3.82 24.46 15.98
N TYR A 18 -5.02 24.23 16.51
CA TYR A 18 -5.32 23.05 17.34
C TYR A 18 -6.12 22.02 16.55
N GLY A 19 -5.72 21.77 15.32
CA GLY A 19 -6.21 20.65 14.53
C GLY A 19 -5.57 19.38 15.04
N ARG A 20 -5.61 18.33 14.21
CA ARG A 20 -5.02 17.07 14.69
C ARG A 20 -3.56 17.21 15.03
N ILE A 21 -2.77 17.91 14.20
CA ILE A 21 -1.34 18.00 14.48
C ILE A 21 -1.12 18.68 15.82
N GLY A 22 -1.78 19.82 16.05
CA GLY A 22 -1.56 20.52 17.31
C GLY A 22 -2.05 19.75 18.52
N ARG A 23 -3.22 19.16 18.42
CA ARG A 23 -3.76 18.39 19.52
C ARG A 23 -2.90 17.18 19.82
N ASN A 24 -2.34 16.55 18.78
CA ASN A 24 -1.51 15.37 19.04
C ASN A 24 -0.16 15.74 19.64
N ILE A 25 0.36 16.94 19.37
CA ILE A 25 1.54 17.40 20.09
C ILE A 25 1.23 17.52 21.57
N LEU A 26 0.10 18.15 21.89
CA LEU A 26 -0.27 18.31 23.30
C LEU A 26 -0.45 16.94 23.95
N ARG A 27 -1.16 16.03 23.27
CA ARG A 27 -1.32 14.71 23.87
C ARG A 27 0.02 14.02 24.07
N ALA A 28 0.93 14.12 23.09
CA ALA A 28 2.21 13.44 23.23
C ALA A 28 2.99 13.97 24.42
N HIS A 29 2.94 15.29 24.62
CA HIS A 29 3.62 15.91 25.74
C HIS A 29 3.10 15.39 27.05
N TYR A 30 1.77 15.32 27.18
CA TYR A 30 1.23 14.89 28.47
C TYR A 30 1.29 13.39 28.66
N GLU A 31 1.23 12.61 27.57
CA GLU A 31 1.16 11.17 27.74
C GLU A 31 2.48 10.55 28.15
N ASN A 32 3.61 11.19 27.86
CA ASN A 32 4.88 10.72 28.41
C ASN A 32 5.26 11.47 29.67
N GLY A 33 4.30 12.13 30.31
CA GLY A 33 4.52 12.76 31.58
C GLY A 33 5.31 14.04 31.52
N LYS A 34 5.26 14.75 30.40
CA LYS A 34 6.07 15.95 30.20
C LYS A 34 7.56 15.60 30.39
N LYS A 35 7.97 14.55 29.68
CA LYS A 35 9.37 14.14 29.68
C LYS A 35 10.27 15.30 29.26
N HIS A 36 9.83 16.04 28.26
CA HIS A 36 10.56 17.22 27.83
C HIS A 36 10.28 18.38 28.76
N ASP A 37 11.30 19.20 28.97
CA ASP A 37 11.25 20.32 29.89
C ASP A 37 10.59 21.49 29.14
N ILE A 38 9.28 21.30 28.90
CA ILE A 38 8.44 22.17 28.09
C ILE A 38 7.14 22.38 28.88
N GLU A 39 6.62 23.58 28.83
CA GLU A 39 5.24 23.83 29.24
C GLU A 39 4.49 24.47 28.08
N ILE A 40 3.34 23.89 27.74
CA ILE A 40 2.45 24.45 26.74
C ILE A 40 1.60 25.48 27.47
N VAL A 41 1.78 26.75 27.13
CA VAL A 41 1.16 27.82 27.89
C VAL A 41 0.00 28.50 27.17
N ALA A 42 -0.20 28.23 25.87
CA ALA A 42 -1.38 28.75 25.18
C ALA A 42 -1.63 27.95 23.90
N ILE A 43 -2.88 28.01 23.45
CA ILE A 43 -3.32 27.48 22.18
C ILE A 43 -4.12 28.58 21.50
N ASN A 44 -3.82 28.84 20.25
CA ASN A 44 -4.59 29.75 19.42
C ASN A 44 -5.31 28.93 18.38
N ASP A 45 -6.62 29.07 18.33
CA ASP A 45 -7.46 28.31 17.41
C ASP A 45 -8.78 29.06 17.29
N LEU A 46 -9.40 28.93 16.13
CA LEU A 46 -10.66 29.65 15.89
C LEU A 46 -11.88 28.89 16.38
N GLY A 47 -11.71 27.65 16.85
CA GLY A 47 -12.84 26.85 17.27
C GLY A 47 -13.26 27.10 18.71
N ASP A 48 -14.49 26.66 19.01
CA ASP A 48 -15.01 26.73 20.37
C ASP A 48 -14.08 25.96 21.29
N PRO A 49 -13.62 26.57 22.39
CA PRO A 49 -12.70 25.85 23.27
C PRO A 49 -13.28 24.59 23.87
N LYS A 50 -14.58 24.56 24.15
CA LYS A 50 -15.17 23.36 24.74
C LYS A 50 -15.12 22.19 23.76
N THR A 51 -15.27 22.48 22.47
CA THR A 51 -15.17 21.43 21.47
C THR A 51 -13.73 20.92 21.37
N ASN A 52 -12.77 21.84 21.35
CA ASN A 52 -11.38 21.42 21.32
C ASN A 52 -11.01 20.63 22.57
N ALA A 53 -11.58 20.96 23.71
CA ALA A 53 -11.33 20.19 24.94
C ALA A 53 -11.90 18.77 24.83
N HIS A 54 -13.12 18.65 24.33
CA HIS A 54 -13.70 17.33 24.12
C HIS A 54 -12.86 16.49 23.17
N LEU A 55 -12.37 17.08 22.09
CA LEU A 55 -11.56 16.31 21.17
C LEU A 55 -10.22 15.93 21.75
N THR A 56 -9.74 16.65 22.76
CA THR A 56 -8.53 16.25 23.46
C THR A 56 -8.80 15.05 24.36
N ARG A 57 -9.96 15.00 25.01
CA ARG A 57 -10.29 13.88 25.89
C ARG A 57 -10.49 12.57 25.14
N PHE A 58 -11.08 12.63 23.95
CA PHE A 58 -11.49 11.42 23.23
C PHE A 58 -10.97 11.49 21.80
N ASP A 59 -10.27 10.45 21.38
CA ASP A 59 -9.82 10.35 20.00
C ASP A 59 -10.06 8.93 19.51
N THR A 60 -10.40 8.80 18.24
CA THR A 60 -10.57 7.45 17.69
C THR A 60 -9.22 6.75 17.54
N ALA A 61 -8.29 7.38 16.82
CA ALA A 61 -7.03 6.70 16.53
C ALA A 61 -6.19 6.53 17.79
N HIS A 62 -6.17 7.53 18.68
CA HIS A 62 -5.28 7.51 19.84
C HIS A 62 -6.03 7.26 21.15
N GLY A 63 -7.32 6.94 21.09
CA GLY A 63 -8.07 6.52 22.29
C GLY A 63 -8.25 7.69 23.25
N LYS A 64 -8.62 7.34 24.47
CA LYS A 64 -8.92 8.34 25.48
C LYS A 64 -7.65 8.89 26.09
N PHE A 65 -7.64 10.20 26.30
CA PHE A 65 -6.53 10.85 26.96
C PHE A 65 -6.43 10.33 28.39
N PRO A 66 -5.27 9.81 28.81
CA PRO A 66 -5.14 9.37 30.22
C PRO A 66 -4.81 10.57 31.09
N GLY A 67 -5.86 11.29 31.48
CA GLY A 67 -5.70 12.52 32.23
C GLY A 67 -7.00 13.30 32.24
N THR A 68 -6.90 14.53 32.73
CA THR A 68 -8.06 15.40 32.91
C THR A 68 -7.92 16.65 32.04
N VAL A 69 -9.06 17.08 31.49
CA VAL A 69 -9.15 18.27 30.66
C VAL A 69 -10.44 18.98 31.02
N THR A 70 -10.34 20.24 31.45
CA THR A 70 -11.52 21.05 31.73
C THR A 70 -11.34 22.41 31.07
N VAL A 71 -12.43 23.13 30.91
CA VAL A 71 -12.38 24.51 30.45
C VAL A 71 -12.87 25.36 31.60
N ASP A 72 -12.02 26.28 32.05
CA ASP A 72 -12.24 27.12 33.24
C ASP A 72 -11.95 28.53 32.75
N GLY A 73 -12.99 29.25 32.33
CA GLY A 73 -12.79 30.61 31.85
C GLY A 73 -11.98 30.63 30.56
N ASP A 74 -10.99 31.54 30.48
CA ASP A 74 -10.12 31.68 29.33
C ASP A 74 -9.00 30.64 29.29
N TYR A 75 -9.11 29.54 30.03
CA TYR A 75 -8.05 28.55 30.11
C TYR A 75 -8.61 27.16 29.89
N MET A 76 -7.85 26.32 29.18
CA MET A 76 -8.07 24.88 29.17
C MET A 76 -7.09 24.28 30.16
N VAL A 77 -7.60 23.50 31.12
CA VAL A 77 -6.79 22.97 32.21
C VAL A 77 -6.53 21.50 31.96
N VAL A 78 -5.25 21.14 31.77
CA VAL A 78 -4.85 19.79 31.42
C VAL A 78 -3.97 19.25 32.53
N ASN A 79 -4.42 18.17 33.18
CA ASN A 79 -3.72 17.63 34.35
C ASN A 79 -3.30 18.76 35.29
N GLY A 80 -4.18 19.73 35.50
CA GLY A 80 -3.94 20.84 36.40
C GLY A 80 -3.22 22.02 35.82
N ASP A 81 -2.66 21.89 34.62
CA ASP A 81 -1.92 22.97 33.99
C ASP A 81 -2.88 23.93 33.29
N LYS A 82 -2.75 25.22 33.56
CA LYS A 82 -3.61 26.22 32.93
C LYS A 82 -3.04 26.69 31.60
N ILE A 83 -3.78 26.43 30.51
CA ILE A 83 -3.34 26.71 29.15
C ILE A 83 -4.26 27.78 28.57
N ARG A 84 -3.70 28.94 28.25
CA ARG A 84 -4.52 30.06 27.80
C ARG A 84 -5.11 29.75 26.42
N VAL A 85 -6.39 30.03 26.23
CA VAL A 85 -7.03 29.76 24.94
C VAL A 85 -7.30 31.10 24.26
N LEU A 86 -6.78 31.23 23.04
CA LEU A 86 -6.85 32.42 22.20
C LEU A 86 -7.57 32.08 20.90
N ALA A 87 -8.07 33.12 20.23
CA ALA A 87 -8.67 32.94 18.92
C ALA A 87 -8.46 34.21 18.09
N ASN A 88 -7.33 34.27 17.37
CA ASN A 88 -7.02 35.41 16.52
C ASN A 88 -6.37 34.92 15.22
N ARG A 89 -6.89 35.38 14.09
CA ARG A 89 -6.38 34.96 12.79
C ARG A 89 -5.00 35.53 12.43
N ASN A 90 -4.59 36.65 13.04
CA ASN A 90 -3.35 37.34 12.65
CA ASN A 90 -3.34 37.33 12.65
C ASN A 90 -2.28 37.12 13.72
N PRO A 91 -1.22 36.35 13.45
CA PRO A 91 -0.23 36.08 14.49
C PRO A 91 0.44 37.31 15.07
N ALA A 92 0.56 38.39 14.30
CA ALA A 92 1.24 39.57 14.82
C ALA A 92 0.45 40.22 15.95
N GLU A 93 -0.83 39.91 16.07
CA GLU A 93 -1.68 40.43 17.15
C GLU A 93 -1.72 39.50 18.36
N LEU A 94 -1.09 38.33 18.28
CA LEU A 94 -1.15 37.40 19.41
C LEU A 94 -0.21 37.90 20.51
N PRO A 95 -0.61 37.72 21.82
CA PRO A 95 0.16 38.28 22.95
C PRO A 95 1.35 37.42 23.34
N TRP A 96 2.17 37.06 22.37
CA TRP A 96 3.28 36.16 22.66
C TRP A 96 4.32 36.79 23.56
N GLY A 97 4.62 38.07 23.37
CA GLY A 97 5.56 38.71 24.28
C GLY A 97 5.05 38.72 25.70
N GLU A 98 3.77 39.09 25.86
CA GLU A 98 3.11 39.07 27.15
C GLU A 98 3.23 37.70 27.82
N LEU A 99 3.06 36.61 27.05
CA LEU A 99 3.14 35.26 27.59
C LEU A 99 4.56 34.71 27.70
N GLY A 100 5.58 35.46 27.30
CA GLY A 100 6.94 34.96 27.41
C GLY A 100 7.20 33.74 26.57
N VAL A 101 6.65 33.71 25.36
CA VAL A 101 6.72 32.54 24.53
C VAL A 101 8.13 32.34 23.98
N ASP A 102 8.68 31.15 24.21
CA ASP A 102 9.93 30.78 23.58
C ASP A 102 9.70 30.28 22.17
N VAL A 103 8.79 29.32 21.98
CA VAL A 103 8.62 28.65 20.68
C VAL A 103 7.14 28.55 20.33
N VAL A 104 6.78 29.01 19.16
CA VAL A 104 5.48 28.74 18.57
C VAL A 104 5.58 27.48 17.74
N LEU A 105 4.72 26.51 18.02
CA LEU A 105 4.55 25.34 17.16
C LEU A 105 3.46 25.71 16.17
N GLU A 106 3.85 25.95 14.93
CA GLU A 106 2.97 26.53 13.92
C GLU A 106 2.36 25.38 13.13
N CYS A 107 1.09 25.09 13.43
CA CYS A 107 0.39 23.90 12.99
C CYS A 107 -0.86 24.23 12.18
N THR A 108 -1.00 25.43 11.62
CA THR A 108 -2.21 25.76 10.86
C THR A 108 -2.10 25.41 9.39
N GLY A 109 -0.87 25.28 8.86
CA GLY A 109 -0.65 25.15 7.44
C GLY A 109 -0.69 26.44 6.65
N PHE A 110 -1.00 27.58 7.27
CA PHE A 110 -1.11 28.84 6.56
C PHE A 110 0.10 29.74 6.68
N PHE A 111 1.11 29.36 7.45
CA PHE A 111 2.26 30.22 7.74
C PHE A 111 3.55 29.42 7.59
N THR A 112 3.75 28.78 6.43
CA THR A 112 4.87 27.87 6.27
C THR A 112 6.14 28.50 5.68
N SER A 113 6.15 29.79 5.38
CA SER A 113 7.37 30.48 5.02
C SER A 113 7.91 31.26 6.22
N LYS A 114 9.18 31.62 6.15
CA LYS A 114 9.73 32.51 7.17
C LYS A 114 9.03 33.87 7.12
N GLU A 115 8.72 34.36 5.91
CA GLU A 115 8.03 35.65 5.82
C GLU A 115 6.70 35.62 6.57
N LYS A 116 5.90 34.58 6.35
CA LYS A 116 4.60 34.50 7.01
C LYS A 116 4.73 34.18 8.49
N ALA A 117 5.55 33.18 8.84
CA ALA A 117 5.71 32.78 10.23
C ALA A 117 6.37 33.86 11.07
N GLY A 118 7.09 34.77 10.43
CA GLY A 118 7.71 35.88 11.14
C GLY A 118 6.72 36.76 11.85
N ALA A 119 5.43 36.67 11.49
CA ALA A 119 4.41 37.42 12.20
C ALA A 119 4.35 37.01 13.68
N HIS A 120 4.62 35.73 13.97
CA HIS A 120 4.70 35.30 15.37
C HIS A 120 5.83 35.99 16.11
N LEU A 121 6.96 36.21 15.43
CA LEU A 121 8.09 36.91 16.05
C LEU A 121 7.72 38.37 16.32
N LYS A 122 6.95 38.99 15.43
CA LYS A 122 6.44 40.35 15.65
C LYS A 122 5.53 40.41 16.87
N GLY A 123 4.78 39.34 17.12
CA GLY A 123 3.96 39.26 18.31
C GLY A 123 4.74 38.99 19.58
N GLY A 124 6.03 38.71 19.46
CA GLY A 124 6.92 38.58 20.60
C GLY A 124 7.41 37.18 20.94
N ALA A 125 7.10 36.18 20.12
CA ALA A 125 7.69 34.86 20.31
C ALA A 125 9.14 34.89 19.85
N LYS A 126 9.97 34.02 20.43
CA LYS A 126 11.38 34.00 20.06
C LYS A 126 11.69 33.13 18.87
N LYS A 127 10.97 32.02 18.70
CA LYS A 127 11.20 31.09 17.60
C LYS A 127 9.87 30.50 17.13
N VAL A 128 9.90 29.94 15.92
CA VAL A 128 8.76 29.23 15.33
C VAL A 128 9.27 27.93 14.72
N ILE A 129 8.57 26.82 14.99
CA ILE A 129 8.80 25.53 14.35
C ILE A 129 7.53 25.22 13.58
N ILE A 130 7.65 25.14 12.26
CA ILE A 130 6.54 24.79 11.36
C ILE A 130 6.38 23.27 11.35
N SER A 131 5.14 22.82 11.58
CA SER A 131 4.86 21.37 11.68
C SER A 131 4.64 20.75 10.30
N ALA A 132 5.52 21.09 9.36
CA ALA A 132 5.32 20.75 7.97
C ALA A 132 6.52 21.20 7.17
N PRO A 133 6.65 20.77 5.92
CA PRO A 133 7.68 21.34 5.05
C PRO A 133 7.56 22.85 4.99
N GLY A 134 8.72 23.51 5.02
CA GLY A 134 8.74 24.95 4.94
C GLY A 134 8.97 25.48 3.56
N GLY A 135 8.73 26.78 3.41
CA GLY A 135 9.12 27.50 2.23
C GLY A 135 10.63 27.53 2.07
N LYS A 136 11.09 28.00 0.90
CA LYS A 136 12.51 27.98 0.57
C LYS A 136 13.33 28.89 1.48
N ASP A 137 12.69 29.79 2.24
CA ASP A 137 13.38 30.79 3.05
C ASP A 137 13.52 30.38 4.52
N VAL A 138 13.09 29.17 4.90
CA VAL A 138 13.19 28.82 6.32
C VAL A 138 14.66 28.60 6.68
N ASP A 139 14.95 28.76 7.97
CA ASP A 139 16.33 28.75 8.43
C ASP A 139 16.95 27.35 8.47
N ALA A 140 16.12 26.32 8.66
CA ALA A 140 16.59 24.96 8.68
C ALA A 140 15.36 24.06 8.50
N THR A 141 15.63 22.84 8.05
CA THR A 141 14.64 21.76 7.99
C THR A 141 15.25 20.59 8.75
N ILE A 142 14.57 20.13 9.78
CA ILE A 142 15.14 19.20 10.76
C ILE A 142 14.37 17.88 10.77
N VAL A 143 15.10 16.78 10.60
CA VAL A 143 14.66 15.44 11.01
C VAL A 143 15.47 15.10 12.25
N PHE A 144 14.81 15.14 13.40
CA PHE A 144 15.51 14.92 14.65
C PHE A 144 16.06 13.49 14.70
N GLY A 145 17.32 13.38 15.12
CA GLY A 145 18.07 12.16 15.05
C GLY A 145 19.00 12.10 13.85
N VAL A 146 18.71 12.86 12.82
CA VAL A 146 19.49 12.87 11.59
C VAL A 146 20.34 14.14 11.46
N ASN A 147 19.72 15.32 11.58
CA ASN A 147 20.50 16.53 11.36
C ASN A 147 20.23 17.67 12.35
N GLN A 148 19.81 17.36 13.59
CA GLN A 148 19.54 18.46 14.51
C GLN A 148 20.81 19.21 14.87
N ASN A 149 21.98 18.61 14.62
CA ASN A 149 23.25 19.25 14.89
C ASN A 149 23.48 20.45 13.98
N VAL A 150 22.66 20.65 12.94
CA VAL A 150 22.83 21.85 12.12
C VAL A 150 22.21 23.08 12.77
N LEU A 151 21.39 22.91 13.81
CA LEU A 151 20.72 24.04 14.42
C LEU A 151 21.69 24.96 15.14
N LYS A 152 21.40 26.24 15.05
CA LYS A 152 22.19 27.30 15.67
C LYS A 152 21.25 28.25 16.39
N ALA A 153 21.83 29.01 17.34
CA ALA A 153 21.02 29.97 18.08
C ALA A 153 20.41 31.02 17.16
N GLU A 154 21.03 31.25 16.00
CA GLU A 154 20.53 32.25 15.06
C GLU A 154 19.28 31.79 14.31
N HIS A 155 18.97 30.51 14.34
CA HIS A 155 17.83 30.00 13.61
C HIS A 155 16.58 30.35 14.38
N THR A 156 15.61 30.96 13.68
CA THR A 156 14.41 31.46 14.36
C THR A 156 13.12 30.92 13.76
N VAL A 157 13.10 30.58 12.48
CA VAL A 157 11.95 29.90 11.87
C VAL A 157 12.48 28.67 11.17
N ILE A 158 12.09 27.49 11.65
CA ILE A 158 12.54 26.23 11.08
C ILE A 158 11.33 25.37 10.75
N SER A 159 11.58 24.37 9.89
CA SER A 159 10.63 23.30 9.56
C SER A 159 11.05 22.00 10.23
N ASN A 160 10.06 21.26 10.75
CA ASN A 160 10.27 19.91 11.22
C ASN A 160 10.07 18.85 10.13
N ALA A 161 10.09 19.26 8.86
CA ALA A 161 9.88 18.38 7.69
C ALA A 161 8.47 17.81 7.77
N SER A 162 8.27 16.59 7.29
CA SER A 162 6.98 15.92 7.33
C SER A 162 7.08 14.56 8.01
N CYS A 163 5.92 13.99 8.35
CA CYS A 163 5.94 12.67 8.94
C CYS A 163 6.69 11.67 8.07
N THR A 164 6.46 11.71 6.75
CA THR A 164 7.07 10.74 5.86
C THR A 164 8.58 10.96 5.75
N THR A 165 9.02 12.22 5.66
CA THR A 165 10.46 12.48 5.61
C THR A 165 11.14 12.04 6.89
N ASN A 166 10.44 12.21 8.04
CA ASN A 166 10.98 11.74 9.31
C ASN A 166 11.07 10.22 9.39
N CYS A 167 10.26 9.47 8.61
CA CYS A 167 10.44 8.02 8.54
C CYS A 167 11.54 7.61 7.57
N LEU A 168 11.60 8.26 6.40
CA LEU A 168 12.55 7.88 5.37
C LEU A 168 13.99 8.23 5.74
N ALA A 169 14.23 9.43 6.25
CA ALA A 169 15.63 9.85 6.44
C ALA A 169 16.39 8.95 7.42
N PRO A 170 15.83 8.56 8.57
CA PRO A 170 16.56 7.63 9.45
C PRO A 170 16.80 6.27 8.82
N LEU A 171 15.90 5.85 7.94
CA LEU A 171 16.04 4.58 7.24
C LEU A 171 17.17 4.63 6.23
N VAL A 172 17.28 5.72 5.46
CA VAL A 172 18.26 5.76 4.39
C VAL A 172 19.64 6.26 4.85
N LYS A 173 19.72 7.07 5.92
CA LYS A 173 21.03 7.61 6.33
C LYS A 173 22.03 6.50 6.60
N PRO A 174 21.74 5.49 7.41
CA PRO A 174 22.74 4.43 7.65
C PRO A 174 23.09 3.66 6.39
N LEU A 175 22.12 3.47 5.50
CA LEU A 175 22.39 2.70 4.30
C LEU A 175 23.28 3.50 3.35
N HIS A 176 23.02 4.80 3.23
CA HIS A 176 23.89 5.62 2.41
C HIS A 176 25.31 5.64 2.96
N ASP A 177 25.46 5.72 4.28
CA ASP A 177 26.79 5.79 4.87
C ASP A 177 27.61 4.53 4.60
N LYS A 178 26.97 3.35 4.60
CA LYS A 178 27.73 2.11 4.47
C LYS A 178 27.73 1.51 3.06
N LEU A 179 26.67 1.71 2.29
CA LEU A 179 26.53 1.12 0.96
C LEU A 179 26.60 2.12 -0.18
N GLY A 180 26.23 3.37 0.07
CA GLY A 180 26.08 4.34 -1.00
C GLY A 180 24.72 4.19 -1.65
N VAL A 181 24.07 5.30 -1.98
CA VAL A 181 22.83 5.30 -2.73
C VAL A 181 23.09 5.94 -4.08
N GLU A 182 22.80 5.21 -5.15
CA GLU A 182 22.89 5.86 -6.45
C GLU A 182 21.62 6.66 -6.70
N THR A 183 20.47 6.04 -6.46
CA THR A 183 19.17 6.55 -6.86
C THR A 183 18.15 5.70 -6.14
N GLY A 184 17.01 6.27 -5.83
CA GLY A 184 15.99 5.55 -5.07
C GLY A 184 14.61 6.07 -5.38
N LEU A 185 13.62 5.19 -5.29
CA LEU A 185 12.23 5.54 -5.51
C LEU A 185 11.39 4.95 -4.39
N MET A 186 10.51 5.76 -3.81
CA MET A 186 9.74 5.42 -2.62
C MET A 186 8.27 5.33 -2.99
N THR A 187 7.58 4.34 -2.44
CA THR A 187 6.12 4.35 -2.34
C THR A 187 5.81 4.37 -0.86
N THR A 188 5.02 5.32 -0.41
CA THR A 188 4.49 5.24 0.94
CA THR A 188 4.47 5.29 0.94
C THR A 188 3.04 4.77 0.85
N VAL A 189 2.78 3.62 1.46
CA VAL A 189 1.43 3.09 1.57
C VAL A 189 0.90 3.72 2.85
N HIS A 190 -0.08 4.60 2.71
CA HIS A 190 -0.32 5.62 3.72
C HIS A 190 -1.78 5.60 4.15
N ALA A 191 -1.98 5.77 5.45
CA ALA A 191 -3.33 5.88 5.98
C ALA A 191 -4.01 7.12 5.41
N TYR A 192 -5.34 7.09 5.34
CA TYR A 192 -6.03 8.28 4.86
C TYR A 192 -5.94 9.39 5.91
N THR A 193 -6.13 10.62 5.44
CA THR A 193 -6.07 11.80 6.30
C THR A 193 -7.28 12.68 6.02
N ASN A 194 -7.41 13.74 6.82
CA ASN A 194 -8.61 14.54 6.69
C ASN A 194 -8.60 15.47 5.48
N ASP A 195 -7.57 15.42 4.65
CA ASP A 195 -7.64 16.05 3.35
C ASP A 195 -8.41 15.20 2.35
N GLN A 196 -8.82 13.99 2.73
CA GLN A 196 -9.56 13.09 1.86
C GLN A 196 -11.04 13.11 2.25
N VAL A 197 -11.83 12.27 1.56
CA VAL A 197 -13.28 12.32 1.70
C VAL A 197 -13.89 10.94 1.93
N LEU A 198 -15.06 10.92 2.56
CA LEU A 198 -15.80 9.68 2.80
C LEU A 198 -16.49 9.15 1.54
N THR A 199 -17.14 10.04 0.78
CA THR A 199 -17.82 9.67 -0.45
C THR A 199 -17.55 10.77 -1.46
N ASP A 200 -17.56 10.42 -2.75
CA ASP A 200 -16.91 11.31 -3.72
C ASP A 200 -17.54 12.70 -3.70
N VAL A 201 -16.67 13.72 -3.63
CA VAL A 201 -17.09 15.11 -3.63
C VAL A 201 -15.98 15.98 -4.16
N TYR A 202 -16.34 17.20 -4.57
CA TYR A 202 -15.41 18.12 -5.18
C TYR A 202 -14.15 18.27 -4.33
N HIS A 203 -13.01 18.18 -4.99
CA HIS A 203 -11.70 18.41 -4.39
CA HIS A 203 -11.73 18.49 -4.37
C HIS A 203 -10.83 19.06 -5.46
N GLU A 204 -9.80 19.80 -5.02
CA GLU A 204 -8.83 20.34 -5.99
C GLU A 204 -8.10 19.21 -6.71
N ASP A 205 -7.91 18.07 -6.05
CA ASP A 205 -7.25 16.93 -6.64
C ASP A 205 -8.30 15.88 -6.98
N LEU A 206 -8.29 15.43 -8.25
CA LEU A 206 -9.34 14.52 -8.72
C LEU A 206 -9.27 13.14 -8.10
N ARG A 207 -8.10 12.71 -7.61
CA ARG A 207 -8.01 11.44 -6.91
C ARG A 207 -8.45 11.57 -5.45
N ARG A 208 -8.03 12.64 -4.76
CA ARG A 208 -8.46 12.80 -3.38
C ARG A 208 -9.94 13.16 -3.27
N ALA A 209 -10.58 13.51 -4.41
CA ALA A 209 -12.04 13.69 -4.50
C ALA A 209 -12.80 12.38 -4.33
N ARG A 210 -12.11 11.25 -4.35
CA ARG A 210 -12.76 9.96 -4.35
C ARG A 210 -12.76 9.34 -2.95
N SER A 211 -13.82 8.61 -2.63
CA SER A 211 -13.93 7.95 -1.35
C SER A 211 -12.64 7.28 -0.91
N ALA A 212 -12.14 7.70 0.25
CA ALA A 212 -10.93 7.14 0.82
C ALA A 212 -11.14 5.79 1.48
N THR A 213 -12.40 5.44 1.77
CA THR A 213 -12.68 4.23 2.51
C THR A 213 -12.80 3.03 1.61
N MET A 214 -12.96 3.25 0.31
CA MET A 214 -13.22 2.16 -0.61
C MET A 214 -12.10 1.90 -1.60
N SER A 215 -11.11 2.78 -1.69
CA SER A 215 -10.09 2.66 -2.73
C SER A 215 -8.69 2.94 -2.22
N MET A 216 -7.74 2.39 -2.98
CA MET A 216 -6.35 2.82 -3.00
C MET A 216 -6.26 4.05 -3.90
N ILE A 217 -5.69 5.14 -3.39
CA ILE A 217 -5.72 6.45 -4.05
C ILE A 217 -4.32 7.03 -4.18
N PRO A 218 -3.74 7.10 -5.37
CA PRO A 218 -2.41 7.69 -5.49
C PRO A 218 -2.45 9.17 -5.20
N THR A 219 -1.40 9.67 -4.56
CA THR A 219 -1.27 11.10 -4.38
CA THR A 219 -1.26 11.09 -4.34
C THR A 219 0.21 11.48 -4.36
N LYS A 220 0.48 12.72 -4.77
CA LYS A 220 1.85 13.22 -4.79
C LYS A 220 2.32 13.52 -3.38
N THR A 221 3.63 13.35 -3.18
CA THR A 221 4.28 13.79 -1.96
C THR A 221 5.72 14.14 -2.29
N GLY A 222 6.19 15.21 -1.71
CA GLY A 222 7.55 15.64 -1.93
C GLY A 222 8.51 15.08 -0.91
N ALA A 223 8.04 14.12 -0.11
CA ALA A 223 8.78 13.71 1.07
C ALA A 223 10.08 13.01 0.73
N ALA A 224 10.18 12.32 -0.42
CA ALA A 224 11.43 11.66 -0.77
C ALA A 224 12.44 12.68 -1.30
N ALA A 225 11.99 13.57 -2.19
CA ALA A 225 12.87 14.66 -2.61
C ALA A 225 13.34 15.50 -1.41
N ALA A 226 12.48 15.69 -0.41
CA ALA A 226 12.84 16.55 0.71
C ALA A 226 13.95 15.99 1.57
N VAL A 227 14.25 14.70 1.46
CA VAL A 227 15.38 14.16 2.20
C VAL A 227 16.64 14.96 1.86
N GLY A 228 16.74 15.51 0.65
CA GLY A 228 17.94 16.28 0.28
C GLY A 228 18.18 17.51 1.13
N LEU A 229 17.13 18.07 1.73
CA LEU A 229 17.29 19.20 2.65
C LEU A 229 17.92 18.78 3.98
N VAL A 230 17.74 17.53 4.38
CA VAL A 230 18.28 17.08 5.66
C VAL A 230 19.55 16.25 5.47
N LEU A 231 19.72 15.62 4.30
CA LEU A 231 20.93 14.86 3.94
C LEU A 231 21.38 15.33 2.57
N PRO A 232 22.19 16.39 2.51
CA PRO A 232 22.46 17.02 1.21
C PRO A 232 23.15 16.12 0.22
N GLU A 233 23.87 15.08 0.68
CA GLU A 233 24.48 14.17 -0.28
C GLU A 233 23.44 13.40 -1.09
N LEU A 234 22.19 13.35 -0.63
CA LEU A 234 21.12 12.67 -1.32
C LEU A 234 20.27 13.64 -2.15
N ASN A 235 20.68 14.90 -2.26
CA ASN A 235 19.90 15.83 -3.03
C ASN A 235 19.75 15.33 -4.46
N GLY A 236 18.52 15.31 -4.94
CA GLY A 236 18.23 14.92 -6.30
C GLY A 236 18.23 13.43 -6.55
N LYS A 237 18.51 12.61 -5.56
CA LYS A 237 18.66 11.18 -5.80
C LYS A 237 17.41 10.36 -5.51
N LEU A 238 16.43 10.92 -4.78
CA LEU A 238 15.25 10.19 -4.35
C LEU A 238 13.99 10.89 -4.82
N ASP A 239 12.99 10.10 -5.18
CA ASP A 239 11.66 10.61 -5.51
C ASP A 239 10.65 9.53 -5.15
N GLY A 240 9.36 9.84 -5.27
CA GLY A 240 8.38 8.86 -4.86
C GLY A 240 6.99 9.45 -4.90
N PHE A 241 6.04 8.66 -4.45
CA PHE A 241 4.65 9.11 -4.29
C PHE A 241 3.97 8.21 -3.25
N ALA A 242 2.70 8.49 -2.99
CA ALA A 242 1.95 7.85 -1.93
C ALA A 242 0.76 7.12 -2.53
N ILE A 243 0.39 6.02 -1.90
CA ILE A 243 -0.86 5.33 -2.17
C ILE A 243 -1.64 5.37 -0.86
N ARG A 244 -2.71 6.17 -0.81
CA ARG A 244 -3.57 6.25 0.37
C ARG A 244 -4.48 5.03 0.36
N VAL A 245 -4.58 4.35 1.50
CA VAL A 245 -5.42 3.16 1.61
C VAL A 245 -6.38 3.30 2.79
N PRO A 246 -7.39 2.41 2.92
CA PRO A 246 -8.43 2.60 3.96
C PRO A 246 -8.02 2.13 5.35
N THR A 247 -7.06 2.81 5.93
CA THR A 247 -6.76 2.74 7.37
C THR A 247 -6.70 4.15 7.95
N ILE A 248 -7.03 4.26 9.24
CA ILE A 248 -7.15 5.56 9.86
C ILE A 248 -5.81 6.14 10.30
N ASN A 249 -4.80 5.29 10.53
CA ASN A 249 -3.51 5.73 11.01
C ASN A 249 -2.51 4.60 10.83
N VAL A 250 -1.24 4.99 10.78
CA VAL A 250 -0.05 4.17 10.58
C VAL A 250 0.15 3.94 9.09
N SER A 251 1.39 4.18 8.65
CA SER A 251 1.76 4.13 7.26
C SER A 251 3.06 3.34 7.11
N LEU A 252 3.41 3.06 5.86
CA LEU A 252 4.57 2.23 5.53
C LEU A 252 5.39 2.93 4.46
N VAL A 253 6.65 3.26 4.76
CA VAL A 253 7.59 3.68 3.72
C VAL A 253 8.20 2.43 3.10
N ASP A 254 8.15 2.34 1.77
CA ASP A 254 8.68 1.23 0.98
C ASP A 254 9.68 1.84 0.00
N LEU A 255 10.98 1.72 0.29
CA LEU A 255 12.02 2.40 -0.46
C LEU A 255 12.76 1.36 -1.29
N SER A 256 12.79 1.54 -2.60
CA SER A 256 13.65 0.78 -3.49
C SER A 256 14.82 1.65 -3.90
N PHE A 257 16.04 1.17 -3.71
CA PHE A 257 17.17 1.97 -4.15
C PHE A 257 18.27 1.09 -4.73
N VAL A 258 19.09 1.72 -5.55
CA VAL A 258 20.23 1.07 -6.14
C VAL A 258 21.43 1.41 -5.28
N ALA A 259 22.04 0.38 -4.68
CA ALA A 259 23.23 0.55 -3.89
C ALA A 259 24.45 0.73 -4.80
N LYS A 260 25.47 1.41 -4.27
CA LYS A 260 26.73 1.60 -4.99
C LYS A 260 27.63 0.39 -4.93
N ARG A 261 27.42 -0.51 -3.98
CA ARG A 261 28.11 -1.79 -4.02
C ARG A 261 27.12 -2.93 -3.80
N ASP A 262 27.59 -4.16 -4.06
CA ASP A 262 26.73 -5.33 -3.85
C ASP A 262 26.46 -5.52 -2.37
N THR A 263 25.23 -5.93 -2.04
CA THR A 263 24.89 -6.20 -0.65
C THR A 263 23.93 -7.40 -0.62
N THR A 264 23.42 -7.68 0.57
CA THR A 264 22.57 -8.84 0.80
C THR A 264 21.50 -8.46 1.82
N VAL A 265 20.44 -9.28 1.90
CA VAL A 265 19.40 -9.03 2.89
C VAL A 265 20.00 -8.94 4.29
N GLU A 266 20.89 -9.89 4.63
CA GLU A 266 21.42 -9.92 5.98
C GLU A 266 22.28 -8.70 6.26
N GLU A 267 23.06 -8.26 5.26
CA GLU A 267 23.91 -7.10 5.47
C GLU A 267 23.10 -5.83 5.66
N VAL A 268 22.09 -5.64 4.81
CA VAL A 268 21.21 -4.47 4.94
C VAL A 268 20.57 -4.46 6.32
N ASN A 269 20.01 -5.59 6.74
CA ASN A 269 19.40 -5.66 8.06
C ASN A 269 20.40 -5.36 9.16
N SER A 270 21.64 -5.89 9.05
CA SER A 270 22.64 -5.65 10.09
CA SER A 270 22.64 -5.65 10.09
C SER A 270 23.00 -4.18 10.21
N ILE A 271 23.08 -3.48 9.08
CA ILE A 271 23.38 -2.06 9.10
C ILE A 271 22.30 -1.29 9.87
N LEU A 272 21.04 -1.61 9.61
CA LEU A 272 19.95 -0.92 10.27
C LEU A 272 19.83 -1.34 11.73
N GLN A 273 20.17 -2.59 12.04
CA GLN A 273 20.14 -3.00 13.43
C GLN A 273 21.16 -2.21 14.25
N ALA A 274 22.36 -2.05 13.70
CA ALA A 274 23.39 -1.31 14.41
C ALA A 274 22.98 0.15 14.60
N ALA A 275 22.38 0.77 13.59
CA ALA A 275 21.92 2.13 13.71
C ALA A 275 20.84 2.25 14.78
N ALA A 276 19.90 1.31 14.81
CA ALA A 276 18.82 1.36 15.79
C ALA A 276 19.34 1.20 17.21
N GLU A 277 20.41 0.44 17.39
CA GLU A 277 20.99 0.24 18.71
C GLU A 277 21.96 1.34 19.09
N GLY A 278 22.36 2.18 18.15
CA GLY A 278 23.35 3.19 18.39
C GLY A 278 22.86 4.59 18.16
N GLU A 279 23.39 5.25 17.15
CA GLU A 279 23.18 6.67 16.97
C GLU A 279 21.71 7.04 16.80
N LEU A 280 20.89 6.15 16.23
CA LEU A 280 19.48 6.47 15.98
C LEU A 280 18.54 5.80 16.97
N LYS A 281 19.03 5.42 18.14
CA LYS A 281 18.19 4.76 19.13
C LYS A 281 16.99 5.63 19.49
N ASP A 282 15.83 4.96 19.56
CA ASP A 282 14.51 5.51 19.88
C ASP A 282 13.91 6.31 18.73
N ILE A 283 14.70 6.66 17.73
CA ILE A 283 14.18 7.32 16.53
C ILE A 283 13.85 6.29 15.46
N LEU A 284 14.82 5.41 15.24
CA LEU A 284 14.71 4.23 14.38
C LEU A 284 14.68 3.00 15.29
N THR A 285 13.68 2.15 15.09
CA THR A 285 13.61 0.86 15.75
C THR A 285 13.82 -0.25 14.73
N TYR A 286 14.16 -1.43 15.25
CA TYR A 286 14.48 -2.60 14.45
C TYR A 286 13.52 -3.71 14.85
N ASN A 287 12.75 -4.22 13.88
CA ASN A 287 11.66 -5.16 14.14
CA ASN A 287 11.68 -5.16 14.16
C ASN A 287 11.88 -6.45 13.38
N THR A 288 11.77 -7.58 14.09
CA THR A 288 11.80 -8.90 13.48
C THR A 288 10.55 -9.72 13.73
N GLU A 289 9.61 -9.22 14.52
CA GLU A 289 8.40 -9.98 14.87
C GLU A 289 7.38 -9.86 13.74
N PRO A 290 6.45 -10.83 13.65
CA PRO A 290 5.46 -10.84 12.55
C PRO A 290 4.29 -9.92 12.87
N LEU A 291 4.55 -8.63 12.78
CA LEU A 291 3.59 -7.62 13.19
C LEU A 291 2.88 -7.02 12.00
N VAL A 292 1.78 -6.31 12.28
CA VAL A 292 1.00 -5.62 11.25
C VAL A 292 0.86 -4.15 11.65
N SER A 293 0.25 -3.36 10.77
CA SER A 293 0.38 -1.92 10.94
C SER A 293 -0.20 -1.45 12.28
N ILE A 294 -1.33 -1.99 12.73
CA ILE A 294 -1.94 -1.45 13.94
C ILE A 294 -1.04 -1.65 15.15
N ASP A 295 -0.11 -2.60 15.09
CA ASP A 295 0.80 -2.78 16.22
C ASP A 295 1.76 -1.60 16.41
N PHE A 296 1.88 -0.73 15.42
CA PHE A 296 2.69 0.48 15.52
C PHE A 296 1.85 1.73 15.78
N ASN A 297 0.54 1.57 15.94
CA ASN A 297 -0.27 2.70 16.32
C ASN A 297 0.13 3.17 17.72
N HIS A 298 0.29 4.48 17.87
CA HIS A 298 0.67 5.12 19.12
C HIS A 298 2.12 4.81 19.52
N ASN A 299 2.91 4.38 18.55
CA ASN A 299 4.36 4.19 18.72
C ASN A 299 5.07 5.51 18.43
N PRO A 300 5.87 6.04 19.34
CA PRO A 300 6.47 7.38 19.15
C PRO A 300 7.72 7.41 18.29
N ALA A 301 8.18 6.27 17.77
CA ALA A 301 9.37 6.30 16.94
C ALA A 301 9.09 6.98 15.62
N SER A 302 10.16 7.49 14.98
CA SER A 302 10.00 8.06 13.65
C SER A 302 9.92 6.99 12.56
N SER A 303 10.62 5.89 12.75
CA SER A 303 10.85 4.92 11.67
C SER A 303 10.99 3.55 12.34
N ASN A 304 10.01 2.67 12.16
CA ASN A 304 10.07 1.31 12.70
C ASN A 304 10.43 0.37 11.56
N PHE A 305 11.72 0.12 11.40
CA PHE A 305 12.20 -0.69 10.31
C PHE A 305 11.73 -2.12 10.47
N ASP A 306 11.23 -2.72 9.40
CA ASP A 306 10.73 -4.09 9.45
C ASP A 306 11.69 -5.00 8.69
N ALA A 307 12.57 -5.64 9.43
CA ALA A 307 13.61 -6.46 8.85
C ALA A 307 13.04 -7.67 8.13
N THR A 308 11.80 -8.07 8.46
CA THR A 308 11.22 -9.23 7.83
C THR A 308 10.88 -8.98 6.36
N LEU A 309 10.82 -7.72 5.94
CA LEU A 309 10.38 -7.36 4.60
C LEU A 309 11.53 -7.05 3.64
N THR A 310 12.76 -7.03 4.13
CA THR A 310 13.88 -6.62 3.28
C THR A 310 14.08 -7.57 2.11
N LYS A 311 14.27 -7.00 0.92
CA LYS A 311 14.60 -7.78 -0.27
C LYS A 311 15.79 -7.16 -0.97
N VAL A 312 16.61 -8.00 -1.59
CA VAL A 312 17.71 -7.56 -2.43
C VAL A 312 17.74 -8.43 -3.67
N SER A 313 17.77 -7.79 -4.85
CA SER A 313 17.91 -8.51 -6.12
C SER A 313 18.93 -7.74 -6.93
N GLY A 314 20.11 -8.33 -7.08
CA GLY A 314 21.24 -7.63 -7.69
C GLY A 314 21.59 -6.46 -6.79
N LYS A 315 21.81 -5.27 -7.36
CA LYS A 315 22.12 -4.11 -6.53
C LYS A 315 20.89 -3.34 -6.13
N LEU A 316 19.70 -3.87 -6.45
CA LEU A 316 18.46 -3.23 -6.07
C LEU A 316 18.03 -3.74 -4.70
N VAL A 317 17.80 -2.80 -3.78
CA VAL A 317 17.41 -3.06 -2.41
C VAL A 317 16.04 -2.48 -2.14
N LYS A 318 15.19 -3.22 -1.41
CA LYS A 318 13.91 -2.71 -0.89
C LYS A 318 13.94 -2.82 0.63
N VAL A 319 13.79 -1.69 1.31
CA VAL A 319 13.61 -1.64 2.75
C VAL A 319 12.32 -0.92 3.10
N SER A 320 11.66 -1.39 4.14
CA SER A 320 10.34 -0.88 4.51
C SER A 320 10.30 -0.57 6.00
N SER A 321 9.59 0.49 6.33
CA SER A 321 9.51 0.97 7.70
C SER A 321 8.10 1.45 8.02
N TRP A 322 7.58 0.97 9.13
CA TRP A 322 6.30 1.42 9.62
C TRP A 322 6.42 2.72 10.41
N TYR A 323 5.40 3.57 10.32
CA TYR A 323 5.45 4.76 11.15
C TYR A 323 4.05 5.21 11.50
N ASP A 324 3.84 5.54 12.76
CA ASP A 324 2.60 6.22 13.15
C ASP A 324 2.77 7.65 12.63
N ASN A 325 2.12 7.96 11.51
CA ASN A 325 2.27 9.22 10.79
C ASN A 325 1.76 10.42 11.56
N GLU A 326 1.04 10.20 12.66
CA GLU A 326 0.70 11.26 13.60
C GLU A 326 1.60 11.31 14.83
N TRP A 327 1.79 10.18 15.51
CA TRP A 327 2.40 10.15 16.84
C TRP A 327 3.92 10.34 16.80
N GLY A 328 4.59 9.73 15.83
CA GLY A 328 6.02 9.92 15.75
C GLY A 328 6.37 11.38 15.57
N PHE A 329 5.71 12.01 14.60
CA PHE A 329 5.95 13.39 14.27
C PHE A 329 5.63 14.29 15.45
N SER A 330 4.53 14.01 16.17
CA SER A 330 4.18 14.81 17.34
C SER A 330 5.31 14.78 18.36
N ASN A 331 5.85 13.58 18.64
CA ASN A 331 6.95 13.48 19.60
C ASN A 331 8.19 14.18 19.10
N ARG A 332 8.48 14.08 17.79
CA ARG A 332 9.64 14.77 17.24
C ARG A 332 9.51 16.29 17.33
N MET A 333 8.30 16.85 17.20
CA MET A 333 8.13 18.28 17.38
C MET A 333 8.67 18.73 18.73
N LEU A 334 8.43 17.92 19.76
CA LEU A 334 8.93 18.24 21.10
C LEU A 334 10.44 18.06 21.19
N ASP A 335 10.99 17.00 20.59
CA ASP A 335 12.44 16.84 20.53
C ASP A 335 13.10 18.04 19.86
N THR A 336 12.56 18.46 18.70
CA THR A 336 13.17 19.56 17.97
C THR A 336 13.04 20.88 18.70
N THR A 337 11.94 21.06 19.44
CA THR A 337 11.83 22.25 20.30
C THR A 337 13.00 22.35 21.26
N VAL A 338 13.30 21.25 21.95
CA VAL A 338 14.41 21.28 22.90
C VAL A 338 15.72 21.52 22.17
N ALA A 339 15.93 20.85 21.03
CA ALA A 339 17.18 21.05 20.32
C ALA A 339 17.36 22.49 19.88
N LEU A 340 16.29 23.10 19.37
CA LEU A 340 16.37 24.47 18.91
C LEU A 340 16.72 25.43 20.04
N MET A 341 16.08 25.25 21.20
CA MET A 341 16.36 26.14 22.32
C MET A 341 17.70 25.85 22.96
N SER A 342 18.28 24.67 22.72
CA SER A 342 19.59 24.31 23.24
C SER A 342 20.73 24.71 22.31
N ALA A 343 20.42 25.12 21.08
CA ALA A 343 21.45 25.43 20.09
C ALA A 343 22.24 26.66 20.51
N LYS A 344 23.55 26.57 20.30
CA LYS A 344 24.47 27.61 20.69
C LYS A 344 24.86 28.51 19.52
N THR B 10 -16.85 -26.89 -30.22
CA THR B 10 -17.19 -26.29 -28.93
C THR B 10 -16.62 -27.11 -27.77
N ILE B 11 -16.08 -26.41 -26.76
CA ILE B 11 -15.36 -27.04 -25.66
C ILE B 11 -16.30 -27.25 -24.49
N ARG B 12 -16.34 -28.47 -23.98
CA ARG B 12 -17.19 -28.85 -22.85
C ARG B 12 -16.40 -28.73 -21.55
N VAL B 13 -16.78 -27.79 -20.71
CA VAL B 13 -16.03 -27.42 -19.51
C VAL B 13 -16.85 -27.79 -18.29
N VAL B 14 -16.16 -28.15 -17.22
CA VAL B 14 -16.80 -28.28 -15.92
C VAL B 14 -15.99 -27.44 -14.93
N ILE B 15 -16.64 -27.06 -13.84
CA ILE B 15 -16.01 -26.30 -12.77
C ILE B 15 -15.98 -27.19 -11.54
N ASN B 16 -14.77 -27.52 -11.07
CA ASN B 16 -14.61 -28.23 -9.82
C ASN B 16 -14.31 -27.21 -8.71
N GLY B 17 -15.26 -27.03 -7.81
CA GLY B 17 -15.14 -26.03 -6.78
C GLY B 17 -15.87 -24.78 -7.24
N TYR B 18 -17.11 -24.62 -6.78
CA TYR B 18 -17.92 -23.46 -7.12
C TYR B 18 -17.86 -22.42 -6.01
N GLY B 19 -16.64 -22.08 -5.60
CA GLY B 19 -16.42 -20.97 -4.69
C GLY B 19 -16.35 -19.69 -5.46
N ARG B 20 -15.65 -18.70 -4.90
CA ARG B 20 -15.60 -17.40 -5.55
C ARG B 20 -14.97 -17.48 -6.93
N ILE B 21 -13.84 -18.18 -7.05
CA ILE B 21 -13.20 -18.29 -8.35
C ILE B 21 -14.15 -18.98 -9.34
N GLY B 22 -14.75 -20.08 -8.91
CA GLY B 22 -15.65 -20.82 -9.80
C GLY B 22 -16.85 -20.00 -10.23
N ARG B 23 -17.49 -19.32 -9.26
CA ARG B 23 -18.64 -18.48 -9.59
C ARG B 23 -18.23 -17.36 -10.52
N ASN B 24 -17.04 -16.78 -10.31
CA ASN B 24 -16.69 -15.64 -11.16
C ASN B 24 -16.31 -16.09 -12.55
N ILE B 25 -15.78 -17.31 -12.71
CA ILE B 25 -15.54 -17.83 -14.04
C ILE B 25 -16.85 -17.98 -14.78
N LEU B 26 -17.84 -18.56 -14.10
CA LEU B 26 -19.15 -18.76 -14.72
C LEU B 26 -19.79 -17.41 -15.08
N ARG B 27 -19.73 -16.44 -14.17
CA ARG B 27 -20.31 -15.13 -14.48
C ARG B 27 -19.59 -14.47 -15.65
N ALA B 28 -18.27 -14.60 -15.69
CA ALA B 28 -17.52 -13.99 -16.79
C ALA B 28 -17.93 -14.57 -18.13
N HIS B 29 -18.20 -15.88 -18.17
CA HIS B 29 -18.63 -16.52 -19.40
C HIS B 29 -19.94 -15.94 -19.90
N TYR B 30 -20.90 -15.75 -19.00
CA TYR B 30 -22.21 -15.26 -19.42
C TYR B 30 -22.25 -13.75 -19.62
N GLU B 31 -21.49 -12.98 -18.84
CA GLU B 31 -21.57 -11.53 -18.94
C GLU B 31 -20.92 -10.99 -20.21
N ASN B 32 -20.00 -11.72 -20.83
CA ASN B 32 -19.39 -11.29 -22.08
C ASN B 32 -20.13 -11.85 -23.29
N GLY B 33 -21.33 -12.40 -23.10
CA GLY B 33 -22.08 -12.90 -24.23
C GLY B 33 -21.63 -14.24 -24.75
N LYS B 34 -20.97 -15.04 -23.92
CA LYS B 34 -20.41 -16.32 -24.33
C LYS B 34 -19.56 -16.15 -25.58
N LYS B 35 -18.68 -15.15 -25.54
CA LYS B 35 -17.74 -14.92 -26.63
C LYS B 35 -16.92 -16.19 -26.91
N HIS B 36 -16.58 -16.95 -25.88
CA HIS B 36 -15.81 -18.16 -26.07
C HIS B 36 -16.68 -19.33 -26.46
N ASP B 37 -16.15 -20.20 -27.32
CA ASP B 37 -16.85 -21.40 -27.77
C ASP B 37 -16.80 -22.48 -26.69
N ILE B 38 -17.42 -22.17 -25.55
CA ILE B 38 -17.40 -23.00 -24.36
C ILE B 38 -18.81 -23.22 -23.89
N GLU B 39 -19.10 -24.43 -23.43
CA GLU B 39 -20.32 -24.71 -22.68
C GLU B 39 -19.93 -25.29 -21.34
N ILE B 40 -20.38 -24.64 -20.26
CA ILE B 40 -20.22 -25.18 -18.92
C ILE B 40 -21.29 -26.25 -18.77
N VAL B 41 -20.88 -27.52 -18.78
CA VAL B 41 -21.84 -28.60 -18.76
C VAL B 41 -22.09 -29.13 -17.36
N ALA B 42 -21.19 -28.86 -16.41
CA ALA B 42 -21.44 -29.30 -15.05
C ALA B 42 -20.60 -28.48 -14.08
N ILE B 43 -21.10 -28.41 -12.85
CA ILE B 43 -20.38 -27.89 -11.70
C ILE B 43 -20.34 -28.99 -10.66
N ASN B 44 -19.17 -29.21 -10.06
CA ASN B 44 -19.02 -30.08 -8.91
C ASN B 44 -18.67 -29.24 -7.70
N ASP B 45 -19.50 -29.30 -6.68
CA ASP B 45 -19.25 -28.56 -5.45
C ASP B 45 -19.91 -29.29 -4.31
N LEU B 46 -19.29 -29.22 -3.13
CA LEU B 46 -19.86 -29.90 -1.97
C LEU B 46 -20.99 -29.13 -1.32
N GLY B 47 -21.19 -27.85 -1.65
CA GLY B 47 -22.25 -27.08 -1.06
C GLY B 47 -23.58 -27.28 -1.75
N ASP B 48 -24.65 -26.89 -1.08
CA ASP B 48 -25.89 -27.27 -1.72
C ASP B 48 -26.29 -26.25 -2.79
N PRO B 49 -26.96 -26.73 -3.83
CA PRO B 49 -27.10 -25.94 -5.06
C PRO B 49 -27.80 -24.62 -4.89
N LYS B 50 -28.79 -24.53 -3.99
CA LYS B 50 -29.58 -23.32 -3.88
C LYS B 50 -28.78 -22.19 -3.26
N THR B 51 -27.87 -22.52 -2.35
CA THR B 51 -26.99 -21.50 -1.79
C THR B 51 -26.02 -20.98 -2.83
N ASN B 52 -25.44 -21.90 -3.62
CA ASN B 52 -24.49 -21.51 -4.65
C ASN B 52 -25.17 -20.70 -5.75
N ALA B 53 -26.43 -21.01 -6.06
CA ALA B 53 -27.15 -20.20 -7.03
C ALA B 53 -27.43 -18.80 -6.47
N HIS B 54 -27.79 -18.73 -5.19
CA HIS B 54 -28.03 -17.43 -4.58
C HIS B 54 -26.77 -16.56 -4.63
N LEU B 55 -25.62 -17.16 -4.36
CA LEU B 55 -24.37 -16.43 -4.36
C LEU B 55 -23.91 -16.09 -5.78
N THR B 56 -24.44 -16.79 -6.79
CA THR B 56 -24.22 -16.38 -8.17
C THR B 56 -25.06 -15.16 -8.54
N ARG B 57 -26.30 -15.09 -8.04
CA ARG B 57 -27.18 -13.98 -8.36
C ARG B 57 -26.74 -12.67 -7.70
N PHE B 58 -26.23 -12.76 -6.47
CA PHE B 58 -25.89 -11.57 -5.67
C PHE B 58 -24.46 -11.67 -5.18
N ASP B 59 -23.65 -10.67 -5.50
CA ASP B 59 -22.31 -10.56 -4.94
C ASP B 59 -22.10 -9.13 -4.45
N THR B 60 -21.32 -9.01 -3.37
CA THR B 60 -20.91 -7.70 -2.90
C THR B 60 -19.94 -7.04 -3.88
N ALA B 61 -18.80 -7.69 -4.15
CA ALA B 61 -17.78 -7.05 -4.98
C ALA B 61 -18.24 -6.86 -6.42
N HIS B 62 -18.94 -7.84 -6.99
CA HIS B 62 -19.27 -7.80 -8.41
C HIS B 62 -20.74 -7.51 -8.69
N GLY B 63 -21.51 -7.16 -7.69
CA GLY B 63 -22.89 -6.79 -7.85
C GLY B 63 -23.78 -7.96 -8.28
N LYS B 64 -24.92 -7.58 -8.83
CA LYS B 64 -25.93 -8.56 -9.23
C LYS B 64 -25.59 -9.12 -10.60
N PHE B 65 -25.66 -10.43 -10.73
CA PHE B 65 -25.53 -11.04 -12.04
C PHE B 65 -26.63 -10.53 -12.95
N PRO B 66 -26.30 -10.03 -14.15
CA PRO B 66 -27.35 -9.46 -15.00
C PRO B 66 -28.21 -10.50 -15.71
N GLY B 67 -27.78 -11.76 -15.73
CA GLY B 67 -28.55 -12.84 -16.28
C GLY B 67 -29.50 -13.45 -15.28
N THR B 68 -29.94 -14.68 -15.59
CA THR B 68 -30.98 -15.40 -14.86
C THR B 68 -30.43 -16.73 -14.38
N VAL B 69 -30.69 -17.08 -13.12
CA VAL B 69 -30.20 -18.31 -12.51
C VAL B 69 -31.34 -18.98 -11.78
N THR B 70 -31.61 -20.23 -12.11
CA THR B 70 -32.63 -21.02 -11.43
C THR B 70 -32.05 -22.40 -11.19
N VAL B 71 -32.63 -23.13 -10.25
CA VAL B 71 -32.27 -24.51 -9.98
C VAL B 71 -33.48 -25.37 -10.31
N ASP B 72 -33.28 -26.36 -11.18
CA ASP B 72 -34.35 -27.23 -11.67
C ASP B 72 -33.80 -28.65 -11.59
N GLY B 73 -34.20 -29.37 -10.54
CA GLY B 73 -33.74 -30.74 -10.40
C GLY B 73 -32.24 -30.80 -10.27
N ASP B 74 -31.62 -31.68 -11.07
CA ASP B 74 -30.17 -31.88 -11.01
C ASP B 74 -29.39 -30.80 -11.73
N TYR B 75 -30.01 -29.68 -12.09
CA TYR B 75 -29.36 -28.70 -12.94
C TYR B 75 -29.51 -27.31 -12.35
N MET B 76 -28.49 -26.50 -12.54
CA MET B 76 -28.58 -25.06 -12.35
C MET B 76 -28.68 -24.44 -13.75
N VAL B 77 -29.74 -23.68 -13.98
CA VAL B 77 -30.02 -23.13 -15.31
C VAL B 77 -29.56 -21.69 -15.31
N VAL B 78 -28.64 -21.37 -16.20
CA VAL B 78 -28.08 -20.02 -16.33
C VAL B 78 -28.32 -19.53 -17.75
N ASN B 79 -29.10 -18.46 -17.88
CA ASN B 79 -29.41 -17.93 -19.21
C ASN B 79 -29.83 -19.05 -20.15
N GLY B 80 -30.64 -19.98 -19.64
CA GLY B 80 -31.22 -21.04 -20.45
C GLY B 80 -30.39 -22.29 -20.56
N ASP B 81 -29.15 -22.27 -20.08
CA ASP B 81 -28.25 -23.41 -20.19
C ASP B 81 -28.40 -24.29 -18.96
N LYS B 82 -28.65 -25.57 -19.19
CA LYS B 82 -28.77 -26.55 -18.10
C LYS B 82 -27.38 -27.06 -17.74
N ILE B 83 -26.92 -26.69 -16.54
CA ILE B 83 -25.60 -27.07 -16.05
C ILE B 83 -25.79 -28.13 -14.98
N ARG B 84 -25.27 -29.32 -15.23
CA ARG B 84 -25.42 -30.43 -14.29
C ARG B 84 -24.71 -30.13 -12.99
N VAL B 85 -25.38 -30.40 -11.88
CA VAL B 85 -24.83 -30.18 -10.54
C VAL B 85 -24.39 -31.52 -9.97
N LEU B 86 -23.19 -31.55 -9.38
CA LEU B 86 -22.59 -32.76 -8.82
C LEU B 86 -21.98 -32.41 -7.47
N ALA B 87 -21.85 -33.42 -6.60
CA ALA B 87 -21.31 -33.20 -5.25
C ALA B 87 -20.43 -34.36 -4.77
N ASN B 88 -19.41 -34.73 -5.54
CA ASN B 88 -18.51 -35.83 -5.16
C ASN B 88 -17.13 -35.29 -4.76
N ARG B 89 -16.73 -35.58 -3.51
CA ARG B 89 -15.48 -35.03 -2.99
C ARG B 89 -14.25 -35.71 -3.56
N ASN B 90 -14.41 -36.88 -4.20
CA ASN B 90 -13.27 -37.60 -4.76
C ASN B 90 -13.28 -37.42 -6.27
N PRO B 91 -12.35 -36.65 -6.85
CA PRO B 91 -12.46 -36.34 -8.28
C PRO B 91 -12.51 -37.53 -9.20
N ALA B 92 -11.80 -38.63 -8.89
CA ALA B 92 -11.75 -39.75 -9.82
C ALA B 92 -13.10 -40.45 -9.96
N GLU B 93 -13.99 -40.32 -8.97
CA GLU B 93 -15.32 -40.89 -9.07
C GLU B 93 -16.29 -39.99 -9.83
N LEU B 94 -15.87 -38.78 -10.19
CA LEU B 94 -16.76 -37.89 -10.92
C LEU B 94 -17.01 -38.43 -12.33
N PRO B 95 -18.24 -38.26 -12.85
CA PRO B 95 -18.62 -38.89 -14.13
C PRO B 95 -18.16 -38.09 -15.34
N TRP B 96 -16.91 -37.64 -15.30
CA TRP B 96 -16.43 -36.72 -16.32
C TRP B 96 -16.40 -37.40 -17.68
N GLY B 97 -15.86 -38.62 -17.74
CA GLY B 97 -15.84 -39.34 -19.01
C GLY B 97 -17.23 -39.59 -19.54
N GLU B 98 -18.11 -40.11 -18.69
CA GLU B 98 -19.49 -40.36 -19.11
C GLU B 98 -20.20 -39.08 -19.53
N LEU B 99 -19.64 -37.92 -19.20
CA LEU B 99 -20.22 -36.62 -19.51
C LEU B 99 -19.47 -35.88 -20.62
N GLY B 100 -18.43 -36.49 -21.19
CA GLY B 100 -17.73 -35.86 -22.29
C GLY B 100 -16.87 -34.67 -21.91
N VAL B 101 -16.41 -34.61 -20.65
CA VAL B 101 -15.76 -33.42 -20.13
C VAL B 101 -14.41 -33.23 -20.81
N ASP B 102 -14.27 -32.10 -21.50
CA ASP B 102 -12.99 -31.72 -22.10
C ASP B 102 -12.04 -31.12 -21.07
N VAL B 103 -12.45 -30.06 -20.39
CA VAL B 103 -11.56 -29.35 -19.47
C VAL B 103 -12.24 -29.19 -18.13
N VAL B 104 -11.54 -29.62 -17.08
CA VAL B 104 -11.95 -29.37 -15.71
C VAL B 104 -11.25 -28.08 -15.25
N LEU B 105 -12.02 -27.09 -14.84
CA LEU B 105 -11.45 -25.91 -14.22
C LEU B 105 -11.39 -26.22 -12.73
N GLU B 106 -10.18 -26.51 -12.24
CA GLU B 106 -9.97 -26.97 -10.87
C GLU B 106 -9.78 -25.75 -9.97
N CYS B 107 -10.81 -25.45 -9.17
CA CYS B 107 -10.95 -24.20 -8.44
C CYS B 107 -11.15 -24.42 -6.95
N THR B 108 -10.83 -25.64 -6.46
CA THR B 108 -11.04 -25.92 -5.05
C THR B 108 -9.89 -25.41 -4.18
N GLY B 109 -8.70 -25.28 -4.76
CA GLY B 109 -7.51 -24.97 -3.99
C GLY B 109 -6.88 -26.16 -3.29
N PHE B 110 -7.47 -27.36 -3.41
CA PHE B 110 -6.94 -28.55 -2.75
C PHE B 110 -6.17 -29.47 -3.69
N PHE B 111 -6.17 -29.22 -5.00
CA PHE B 111 -5.61 -30.14 -5.98
C PHE B 111 -4.65 -29.41 -6.90
N THR B 112 -3.71 -28.68 -6.32
CA THR B 112 -2.86 -27.77 -7.07
C THR B 112 -1.55 -28.39 -7.55
N SER B 113 -1.32 -29.68 -7.34
CA SER B 113 -0.19 -30.36 -7.95
C SER B 113 -0.65 -31.15 -9.17
N LYS B 114 0.28 -31.40 -10.09
CA LYS B 114 -0.07 -32.18 -11.27
C LYS B 114 -0.54 -33.58 -10.88
N GLU B 115 -0.09 -34.08 -9.74
CA GLU B 115 -0.46 -35.40 -9.28
C GLU B 115 -1.86 -35.42 -8.67
N LYS B 116 -2.12 -34.53 -7.72
CA LYS B 116 -3.44 -34.48 -7.10
C LYS B 116 -4.52 -34.09 -8.11
N ALA B 117 -4.21 -33.13 -8.98
CA ALA B 117 -5.18 -32.70 -9.99
C ALA B 117 -5.40 -33.75 -11.07
N GLY B 118 -4.53 -34.75 -11.17
CA GLY B 118 -4.69 -35.77 -12.19
C GLY B 118 -5.81 -36.75 -11.91
N ALA B 119 -6.39 -36.71 -10.71
CA ALA B 119 -7.57 -37.52 -10.40
C ALA B 119 -8.70 -37.23 -11.38
N HIS B 120 -8.88 -35.96 -11.77
CA HIS B 120 -9.92 -35.66 -12.74
C HIS B 120 -9.73 -36.43 -14.03
N LEU B 121 -8.47 -36.71 -14.40
CA LEU B 121 -8.20 -37.47 -15.62
C LEU B 121 -8.68 -38.91 -15.48
N LYS B 122 -8.50 -39.49 -14.29
CA LYS B 122 -8.96 -40.86 -14.05
C LYS B 122 -10.48 -40.95 -14.15
N GLY B 123 -11.19 -39.88 -13.78
CA GLY B 123 -12.64 -39.86 -13.85
C GLY B 123 -13.19 -39.63 -15.24
N GLY B 124 -12.33 -39.34 -16.21
CA GLY B 124 -12.72 -39.31 -17.61
C GLY B 124 -12.59 -37.96 -18.27
N ALA B 125 -12.16 -36.93 -17.57
CA ALA B 125 -11.91 -35.64 -18.20
C ALA B 125 -10.59 -35.68 -18.96
N LYS B 126 -10.55 -34.94 -20.06
CA LYS B 126 -9.36 -34.89 -20.91
C LYS B 126 -8.25 -34.02 -20.33
N LYS B 127 -8.60 -32.87 -19.74
CA LYS B 127 -7.59 -31.93 -19.25
C LYS B 127 -8.08 -31.22 -17.99
N VAL B 128 -7.14 -30.62 -17.27
CA VAL B 128 -7.44 -29.85 -16.06
C VAL B 128 -6.61 -28.56 -16.09
N ILE B 129 -7.26 -27.44 -15.77
CA ILE B 129 -6.58 -26.16 -15.55
C ILE B 129 -6.77 -25.79 -14.08
N ILE B 130 -5.65 -25.64 -13.37
CA ILE B 130 -5.66 -25.27 -11.96
C ILE B 130 -5.78 -23.75 -11.85
N SER B 131 -6.75 -23.28 -11.09
CA SER B 131 -7.02 -21.84 -10.98
C SER B 131 -6.14 -21.17 -9.94
N ALA B 132 -4.85 -21.47 -9.97
CA ALA B 132 -3.88 -21.00 -8.99
C ALA B 132 -2.50 -21.48 -9.42
N PRO B 133 -1.42 -20.99 -8.81
CA PRO B 133 -0.10 -21.55 -9.08
C PRO B 133 -0.12 -23.04 -8.79
N GLY B 134 0.56 -23.80 -9.65
CA GLY B 134 0.63 -25.23 -9.51
C GLY B 134 1.95 -25.68 -8.89
N GLY B 135 2.04 -26.99 -8.69
CA GLY B 135 3.27 -27.57 -8.19
C GLY B 135 4.41 -27.34 -9.15
N LYS B 136 5.62 -27.72 -8.71
CA LYS B 136 6.74 -27.72 -9.65
C LYS B 136 6.40 -28.60 -10.85
N ASP B 137 5.53 -29.60 -10.64
CA ASP B 137 5.32 -30.71 -11.54
C ASP B 137 4.19 -30.49 -12.56
N VAL B 138 3.59 -29.30 -12.65
CA VAL B 138 2.54 -29.15 -13.67
C VAL B 138 3.17 -29.08 -15.06
N ASP B 139 2.34 -29.37 -16.07
CA ASP B 139 2.80 -29.40 -17.45
C ASP B 139 3.14 -28.02 -17.98
N ALA B 140 2.51 -26.97 -17.45
CA ALA B 140 2.78 -25.61 -17.89
C ALA B 140 2.12 -24.66 -16.90
N THR B 141 2.64 -23.43 -16.86
CA THR B 141 2.05 -22.33 -16.10
C THR B 141 1.85 -21.19 -17.09
N ILE B 142 0.60 -20.76 -17.28
CA ILE B 142 0.22 -19.90 -18.40
C ILE B 142 -0.27 -18.57 -17.86
N VAL B 143 0.29 -17.48 -18.38
CA VAL B 143 -0.32 -16.15 -18.36
C VAL B 143 -0.80 -15.90 -19.78
N PHE B 144 -2.11 -15.95 -20.00
CA PHE B 144 -2.62 -15.81 -21.34
C PHE B 144 -2.29 -14.41 -21.87
N GLY B 145 -1.83 -14.37 -23.13
CA GLY B 145 -1.30 -13.18 -23.74
C GLY B 145 0.20 -13.06 -23.68
N VAL B 146 0.87 -13.81 -22.81
CA VAL B 146 2.33 -13.75 -22.69
C VAL B 146 2.99 -15.06 -23.15
N ASN B 147 2.47 -16.21 -22.70
CA ASN B 147 3.13 -17.47 -23.05
C ASN B 147 2.17 -18.61 -23.37
N GLN B 148 0.95 -18.33 -23.85
CA GLN B 148 0.06 -19.44 -24.16
C GLN B 148 0.59 -20.27 -25.33
N ASN B 149 1.56 -19.75 -26.09
CA ASN B 149 2.17 -20.51 -27.18
C ASN B 149 2.99 -21.70 -26.69
N VAL B 150 3.33 -21.79 -25.41
CA VAL B 150 4.06 -22.97 -24.92
C VAL B 150 3.17 -24.18 -24.77
N LEU B 151 1.85 -24.01 -24.87
CA LEU B 151 0.91 -25.11 -24.69
C LEU B 151 1.00 -26.11 -25.83
N LYS B 152 0.80 -27.39 -25.49
CA LYS B 152 0.89 -28.49 -26.44
C LYS B 152 -0.25 -29.45 -26.20
N ALA B 153 -0.60 -30.20 -27.27
CA ALA B 153 -1.69 -31.17 -27.16
C ALA B 153 -1.44 -32.17 -26.05
N GLU B 154 -0.17 -32.46 -25.76
CA GLU B 154 0.14 -33.49 -24.77
C GLU B 154 -0.12 -33.02 -23.34
N HIS B 155 -0.20 -31.71 -23.11
CA HIS B 155 -0.41 -31.23 -21.74
C HIS B 155 -1.79 -31.64 -21.26
N THR B 156 -1.86 -32.10 -20.01
CA THR B 156 -3.12 -32.49 -19.41
C THR B 156 -3.40 -31.86 -18.05
N VAL B 157 -2.39 -31.35 -17.35
CA VAL B 157 -2.61 -30.56 -16.14
C VAL B 157 -1.77 -29.29 -16.26
N ILE B 158 -2.43 -28.13 -16.29
CA ILE B 158 -1.69 -26.89 -16.32
C ILE B 158 -2.21 -25.98 -15.22
N SER B 159 -1.42 -24.97 -14.93
CA SER B 159 -1.74 -23.91 -13.99
C SER B 159 -1.99 -22.63 -14.78
N ASN B 160 -2.97 -21.83 -14.33
CA ASN B 160 -3.22 -20.52 -14.89
C ASN B 160 -2.47 -19.43 -14.13
N ALA B 161 -1.45 -19.81 -13.36
CA ALA B 161 -0.66 -18.88 -12.54
C ALA B 161 -1.59 -18.27 -11.48
N SER B 162 -1.26 -17.07 -11.00
CA SER B 162 -2.06 -16.34 -10.03
C SER B 162 -2.53 -15.01 -10.62
N CYS B 163 -3.51 -14.41 -9.95
CA CYS B 163 -3.96 -13.07 -10.33
C CYS B 163 -2.77 -12.10 -10.44
N THR B 164 -1.89 -12.14 -9.45
CA THR B 164 -0.76 -11.20 -9.43
C THR B 164 0.23 -11.47 -10.55
N THR B 165 0.56 -12.74 -10.80
CA THR B 165 1.45 -13.02 -11.93
C THR B 165 0.81 -12.61 -13.24
N ASN B 166 -0.50 -12.77 -13.37
CA ASN B 166 -1.17 -12.32 -14.60
C ASN B 166 -1.16 -10.80 -14.77
N CYS B 167 -1.00 -10.04 -13.67
CA CYS B 167 -0.85 -8.59 -13.78
C CYS B 167 0.60 -8.21 -14.11
N LEU B 168 1.55 -8.86 -13.43
CA LEU B 168 2.96 -8.52 -13.55
C LEU B 168 3.54 -8.91 -14.91
N ALA B 169 3.24 -10.12 -15.39
CA ALA B 169 3.93 -10.60 -16.58
C ALA B 169 3.61 -9.75 -17.80
N PRO B 170 2.36 -9.35 -18.06
CA PRO B 170 2.09 -8.46 -19.20
C PRO B 170 2.75 -7.10 -19.05
N LEU B 171 2.98 -6.67 -17.82
CA LEU B 171 3.67 -5.42 -17.57
C LEU B 171 5.15 -5.55 -17.89
N VAL B 172 5.78 -6.64 -17.44
CA VAL B 172 7.23 -6.72 -17.57
C VAL B 172 7.67 -7.17 -18.96
N LYS B 173 6.86 -7.97 -19.66
CA LYS B 173 7.32 -8.50 -20.94
C LYS B 173 7.70 -7.40 -21.92
N PRO B 174 6.83 -6.42 -22.22
CA PRO B 174 7.23 -5.38 -23.18
C PRO B 174 8.42 -4.56 -22.70
N LEU B 175 8.52 -4.32 -21.40
CA LEU B 175 9.63 -3.57 -20.85
C LEU B 175 10.95 -4.34 -20.98
N HIS B 176 10.93 -5.64 -20.70
CA HIS B 176 12.15 -6.43 -20.91
C HIS B 176 12.53 -6.47 -22.38
N ASP B 177 11.55 -6.62 -23.28
CA ASP B 177 11.86 -6.71 -24.70
C ASP B 177 12.46 -5.41 -25.22
N LYS B 178 11.87 -4.28 -24.83
CA LYS B 178 12.19 -3.00 -25.45
C LYS B 178 13.18 -2.16 -24.67
N LEU B 179 13.35 -2.42 -23.40
CA LEU B 179 14.24 -1.66 -22.54
C LEU B 179 15.27 -2.54 -21.86
N GLY B 180 14.85 -3.68 -21.32
CA GLY B 180 15.75 -4.58 -20.63
C GLY B 180 15.61 -4.44 -19.12
N VAL B 181 15.32 -5.54 -18.45
CA VAL B 181 15.17 -5.58 -17.00
C VAL B 181 16.41 -6.28 -16.46
N GLU B 182 17.25 -5.55 -15.71
CA GLU B 182 18.41 -6.17 -15.07
C GLU B 182 17.99 -6.93 -13.82
N THR B 183 17.25 -6.27 -12.95
CA THR B 183 16.73 -6.85 -11.72
C THR B 183 15.50 -6.01 -11.35
N GLY B 184 14.62 -6.58 -10.54
CA GLY B 184 13.41 -5.86 -10.15
C GLY B 184 12.88 -6.37 -8.83
N LEU B 185 12.19 -5.48 -8.12
CA LEU B 185 11.53 -5.78 -6.86
C LEU B 185 10.11 -5.24 -6.89
N MET B 186 9.14 -6.06 -6.49
CA MET B 186 7.72 -5.73 -6.57
C MET B 186 7.12 -5.64 -5.17
N THR B 187 6.22 -4.69 -4.98
CA THR B 187 5.26 -4.73 -3.89
C THR B 187 3.90 -4.80 -4.53
N THR B 188 3.08 -5.76 -4.13
CA THR B 188 1.68 -5.69 -4.54
C THR B 188 0.88 -5.22 -3.35
N VAL B 189 0.14 -4.14 -3.55
CA VAL B 189 -0.79 -3.62 -2.55
C VAL B 189 -2.13 -4.24 -2.92
N HIS B 190 -2.62 -5.13 -2.06
CA HIS B 190 -3.57 -6.14 -2.48
C HIS B 190 -4.81 -6.10 -1.60
N ALA B 191 -5.96 -6.25 -2.22
CA ALA B 191 -7.23 -6.37 -1.51
C ALA B 191 -7.20 -7.58 -0.59
N TYR B 192 -7.95 -7.51 0.51
CA TYR B 192 -7.98 -8.69 1.36
C TYR B 192 -8.76 -9.81 0.65
N THR B 193 -8.54 -11.03 1.13
CA THR B 193 -9.19 -12.22 0.58
C THR B 193 -9.71 -13.10 1.73
N ASN B 194 -10.41 -14.17 1.37
CA ASN B 194 -11.03 -15.00 2.40
C ASN B 194 -10.04 -15.92 3.11
N ASP B 195 -8.75 -15.84 2.81
CA ASP B 195 -7.79 -16.50 3.69
C ASP B 195 -7.43 -15.61 4.87
N GLN B 196 -8.03 -14.42 4.97
CA GLN B 196 -7.82 -13.49 6.07
C GLN B 196 -9.02 -13.47 7.00
N VAL B 197 -8.96 -12.62 8.03
CA VAL B 197 -9.95 -12.67 9.10
C VAL B 197 -10.48 -11.27 9.42
N LEU B 198 -11.68 -11.24 10.00
CA LEU B 198 -12.30 -9.98 10.40
C LEU B 198 -11.74 -9.45 11.72
N THR B 199 -11.61 -10.31 12.71
CA THR B 199 -11.01 -9.93 13.99
C THR B 199 -10.07 -11.07 14.40
N ASP B 200 -9.04 -10.73 15.17
CA ASP B 200 -7.87 -11.61 15.26
C ASP B 200 -8.27 -12.99 15.72
N VAL B 201 -7.79 -14.01 15.02
CA VAL B 201 -8.15 -15.39 15.37
C VAL B 201 -7.06 -16.29 14.84
N TYR B 202 -6.94 -17.47 15.46
CA TYR B 202 -5.89 -18.42 15.13
C TYR B 202 -5.80 -18.66 13.62
N HIS B 203 -4.58 -18.62 13.12
CA HIS B 203 -4.27 -18.81 11.71
CA HIS B 203 -4.29 -18.86 11.72
C HIS B 203 -2.88 -19.43 11.65
N GLU B 204 -2.61 -20.20 10.59
CA GLU B 204 -1.28 -20.76 10.42
C GLU B 204 -0.24 -19.66 10.33
N ASP B 205 -0.57 -18.57 9.66
CA ASP B 205 0.31 -17.43 9.48
C ASP B 205 -0.06 -16.36 10.51
N LEU B 206 0.93 -15.93 11.32
CA LEU B 206 0.63 -15.00 12.41
C LEU B 206 0.25 -13.60 11.95
N ARG B 207 0.58 -13.22 10.73
CA ARG B 207 0.12 -11.94 10.20
C ARG B 207 -1.30 -12.04 9.64
N ARG B 208 -1.61 -13.11 8.91
CA ARG B 208 -2.99 -13.24 8.44
C ARG B 208 -3.97 -13.56 9.55
N ALA B 209 -3.48 -13.92 10.74
CA ALA B 209 -4.31 -14.06 11.92
C ALA B 209 -4.87 -12.73 12.41
N ARG B 210 -4.40 -11.62 11.89
CA ARG B 210 -4.79 -10.30 12.36
C ARG B 210 -5.86 -9.68 11.49
N SER B 211 -6.76 -8.93 12.12
CA SER B 211 -7.85 -8.27 11.42
C SER B 211 -7.41 -7.59 10.12
N ALA B 212 -7.99 -8.05 9.01
CA ALA B 212 -7.70 -7.52 7.69
C ALA B 212 -8.37 -6.18 7.44
N THR B 213 -9.36 -5.83 8.27
CA THR B 213 -10.09 -4.59 8.04
C THR B 213 -9.43 -3.36 8.65
N MET B 214 -8.46 -3.55 9.57
CA MET B 214 -7.90 -2.48 10.37
C MET B 214 -6.43 -2.24 10.09
N SER B 215 -5.76 -3.14 9.35
CA SER B 215 -4.33 -3.07 9.20
C SER B 215 -3.88 -3.32 7.77
N MET B 216 -2.69 -2.80 7.48
CA MET B 216 -1.85 -3.26 6.39
C MET B 216 -1.10 -4.49 6.88
N ILE B 217 -1.17 -5.57 6.10
CA ILE B 217 -0.70 -6.88 6.55
C ILE B 217 0.26 -7.47 5.52
N PRO B 218 1.55 -7.55 5.79
CA PRO B 218 2.45 -8.19 4.83
C PRO B 218 2.16 -9.68 4.69
N THR B 219 2.36 -10.15 3.47
CA THR B 219 2.27 -11.57 3.19
C THR B 219 3.22 -11.92 2.07
N LYS B 220 3.63 -13.20 2.04
CA LYS B 220 4.54 -13.69 1.03
C LYS B 220 3.81 -13.85 -0.29
N THR B 221 4.51 -13.56 -1.36
CA THR B 221 4.01 -13.76 -2.71
C THR B 221 5.03 -14.57 -3.48
N GLY B 222 4.55 -15.42 -4.38
CA GLY B 222 5.44 -16.11 -5.28
C GLY B 222 5.44 -15.51 -6.67
N ALA B 223 4.74 -14.38 -6.86
CA ALA B 223 4.47 -13.93 -8.22
C ALA B 223 5.71 -13.42 -8.91
N ALA B 224 6.57 -12.70 -8.17
CA ALA B 224 7.78 -12.17 -8.80
C ALA B 224 8.67 -13.30 -9.27
N ALA B 225 8.86 -14.30 -8.43
CA ALA B 225 9.59 -15.47 -8.87
C ALA B 225 8.88 -16.20 -9.99
N ALA B 226 7.55 -16.33 -9.92
CA ALA B 226 6.84 -17.11 -10.91
C ALA B 226 6.91 -16.49 -12.29
N VAL B 227 7.14 -15.19 -12.38
CA VAL B 227 7.32 -14.61 -13.69
C VAL B 227 8.51 -15.26 -14.39
N GLY B 228 9.45 -15.83 -13.62
CA GLY B 228 10.53 -16.61 -14.23
C GLY B 228 10.06 -17.85 -14.96
N LEU B 229 8.97 -18.48 -14.50
CA LEU B 229 8.43 -19.62 -15.25
C LEU B 229 7.85 -19.15 -16.58
N VAL B 230 7.11 -18.03 -16.56
CA VAL B 230 6.39 -17.53 -17.72
C VAL B 230 7.36 -16.90 -18.71
N LEU B 231 8.38 -16.20 -18.20
CA LEU B 231 9.37 -15.48 -18.99
C LEU B 231 10.73 -15.98 -18.50
N PRO B 232 11.22 -17.08 -19.06
CA PRO B 232 12.43 -17.71 -18.48
C PRO B 232 13.63 -16.79 -18.42
N GLU B 233 13.73 -15.79 -19.31
CA GLU B 233 14.86 -14.87 -19.26
C GLU B 233 14.89 -14.07 -17.96
N LEU B 234 13.75 -13.97 -17.26
CA LEU B 234 13.66 -13.24 -16.00
C LEU B 234 13.82 -14.15 -14.78
N ASN B 235 14.08 -15.43 -14.95
CA ASN B 235 14.25 -16.33 -13.82
C ASN B 235 15.31 -15.80 -12.85
N GLY B 236 14.92 -15.65 -11.59
CA GLY B 236 15.81 -15.20 -10.53
C GLY B 236 16.01 -13.71 -10.46
N LYS B 237 15.46 -12.94 -11.39
CA LYS B 237 15.74 -11.52 -11.43
C LYS B 237 14.77 -10.67 -10.63
N LEU B 238 13.59 -11.19 -10.30
CA LEU B 238 12.59 -10.43 -9.57
C LEU B 238 12.31 -11.08 -8.23
N ASP B 239 12.00 -10.24 -7.24
CA ASP B 239 11.56 -10.67 -5.92
C ASP B 239 10.52 -9.66 -5.45
N GLY B 240 9.85 -9.95 -4.35
CA GLY B 240 8.87 -9.00 -3.83
C GLY B 240 8.08 -9.57 -2.67
N PHE B 241 7.08 -8.78 -2.26
CA PHE B 241 6.12 -9.23 -1.25
C PHE B 241 4.81 -8.51 -1.49
N ALA B 242 3.80 -8.88 -0.71
CA ALA B 242 2.49 -8.23 -0.76
C ALA B 242 2.19 -7.55 0.56
N ILE B 243 1.40 -6.49 0.45
CA ILE B 243 0.79 -5.82 1.58
CA ILE B 243 0.79 -5.82 1.58
C ILE B 243 -0.72 -5.89 1.35
N ARG B 244 -1.41 -6.67 2.19
CA ARG B 244 -2.86 -6.71 2.15
C ARG B 244 -3.42 -5.49 2.88
N VAL B 245 -4.36 -4.80 2.26
CA VAL B 245 -4.95 -3.60 2.86
C VAL B 245 -6.47 -3.72 2.85
N PRO B 246 -7.19 -2.83 3.57
CA PRO B 246 -8.66 -3.02 3.75
C PRO B 246 -9.50 -2.55 2.58
N THR B 247 -9.37 -3.25 1.45
CA THR B 247 -10.32 -3.17 0.36
C THR B 247 -10.78 -4.57 -0.04
N ILE B 248 -11.99 -4.63 -0.59
CA ILE B 248 -12.59 -5.94 -0.86
C ILE B 248 -12.12 -6.50 -2.19
N ASN B 249 -11.73 -5.64 -3.12
CA ASN B 249 -11.29 -6.10 -4.41
C ASN B 249 -10.52 -4.99 -5.11
N VAL B 250 -9.72 -5.42 -6.08
CA VAL B 250 -8.83 -4.62 -6.91
C VAL B 250 -7.52 -4.41 -6.17
N SER B 251 -6.43 -4.68 -6.87
CA SER B 251 -5.09 -4.66 -6.32
C SER B 251 -4.19 -3.87 -7.24
N LEU B 252 -2.96 -3.64 -6.76
CA LEU B 252 -1.98 -2.80 -7.42
C LEU B 252 -0.63 -3.52 -7.41
N VAL B 253 -0.04 -3.74 -8.58
CA VAL B 253 1.37 -4.12 -8.70
C VAL B 253 2.21 -2.85 -8.80
N ASP B 254 3.21 -2.73 -7.93
CA ASP B 254 4.16 -1.62 -7.92
C ASP B 254 5.55 -2.23 -8.16
N LEU B 255 6.07 -2.11 -9.38
CA LEU B 255 7.31 -2.74 -9.77
C LEU B 255 8.40 -1.70 -9.92
N SER B 256 9.46 -1.85 -9.13
CA SER B 256 10.68 -1.09 -9.28
C SER B 256 11.71 -1.98 -9.97
N PHE B 257 12.39 -1.46 -10.99
CA PHE B 257 13.38 -2.27 -11.66
C PHE B 257 14.52 -1.41 -12.19
N VAL B 258 15.68 -2.03 -12.32
CA VAL B 258 16.83 -1.40 -12.94
C VAL B 258 16.79 -1.71 -14.42
N ALA B 259 16.64 -0.68 -15.23
CA ALA B 259 16.67 -0.86 -16.67
C ALA B 259 18.10 -1.05 -17.14
N LYS B 260 18.25 -1.76 -18.25
CA LYS B 260 19.58 -2.03 -18.77
C LYS B 260 20.18 -0.87 -19.55
N ARG B 261 19.40 0.17 -19.85
CA ARG B 261 19.92 1.36 -20.49
C ARG B 261 19.13 2.56 -19.99
N ASP B 262 19.67 3.76 -20.21
CA ASP B 262 18.96 4.96 -19.77
C ASP B 262 17.63 5.11 -20.52
N THR B 263 16.63 5.69 -19.85
CA THR B 263 15.32 5.84 -20.45
C THR B 263 14.66 7.08 -19.85
N THR B 264 13.38 7.27 -20.15
CA THR B 264 12.61 8.40 -19.63
C THR B 264 11.20 7.94 -19.32
N VAL B 265 10.47 8.76 -18.54
CA VAL B 265 9.08 8.45 -18.23
C VAL B 265 8.29 8.26 -19.50
N GLU B 266 8.44 9.18 -20.48
CA GLU B 266 7.58 9.07 -21.65
C GLU B 266 7.94 7.87 -22.52
N GLU B 267 9.20 7.45 -22.53
CA GLU B 267 9.54 6.26 -23.32
C GLU B 267 8.96 5.01 -22.68
N VAL B 268 9.08 4.88 -21.36
CA VAL B 268 8.52 3.74 -20.65
C VAL B 268 7.04 3.66 -20.93
N ASN B 269 6.36 4.79 -20.82
CA ASN B 269 4.92 4.81 -21.03
C ASN B 269 4.59 4.44 -22.47
N SER B 270 5.39 4.95 -23.44
CA SER B 270 5.12 4.65 -24.85
CA SER B 270 5.12 4.66 -24.84
C SER B 270 5.30 3.17 -25.14
N ILE B 271 6.28 2.52 -24.50
CA ILE B 271 6.47 1.10 -24.73
C ILE B 271 5.22 0.35 -24.32
N LEU B 272 4.66 0.69 -23.17
CA LEU B 272 3.48 0.01 -22.68
C LEU B 272 2.23 0.37 -23.49
N GLN B 273 2.11 1.62 -23.97
CA GLN B 273 0.98 1.96 -24.83
C GLN B 273 1.00 1.15 -26.12
N ALA B 274 2.17 1.01 -26.73
CA ALA B 274 2.27 0.22 -27.95
C ALA B 274 1.93 -1.24 -27.71
N ALA B 275 2.37 -1.81 -26.59
CA ALA B 275 2.01 -3.17 -26.27
C ALA B 275 0.50 -3.32 -26.04
N ALA B 276 -0.13 -2.33 -25.42
CA ALA B 276 -1.57 -2.41 -25.16
C ALA B 276 -2.40 -2.30 -26.42
N GLU B 277 -1.86 -1.70 -27.46
CA GLU B 277 -2.56 -1.64 -28.74
C GLU B 277 -2.15 -2.77 -29.67
N GLY B 278 -1.05 -3.46 -29.39
CA GLY B 278 -0.58 -4.55 -30.18
C GLY B 278 -0.86 -5.92 -29.60
N GLU B 279 0.20 -6.69 -29.34
CA GLU B 279 0.05 -8.10 -29.02
C GLU B 279 -0.66 -8.34 -27.69
N LEU B 280 -0.62 -7.37 -26.77
CA LEU B 280 -1.30 -7.54 -25.50
C LEU B 280 -2.65 -6.82 -25.47
N LYS B 281 -3.24 -6.53 -26.62
CA LYS B 281 -4.54 -5.85 -26.62
C LYS B 281 -5.55 -6.62 -25.79
N ASP B 282 -6.29 -5.87 -24.96
CA ASP B 282 -7.35 -6.36 -24.08
C ASP B 282 -6.86 -7.16 -22.87
N ILE B 283 -5.58 -7.54 -22.86
CA ILE B 283 -4.95 -8.14 -21.68
C ILE B 283 -4.29 -7.09 -20.82
N LEU B 284 -3.45 -6.29 -21.47
CA LEU B 284 -2.86 -5.09 -20.91
C LEU B 284 -3.62 -3.87 -21.41
N THR B 285 -4.04 -2.99 -20.50
CA THR B 285 -4.60 -1.71 -20.90
C THR B 285 -3.68 -0.55 -20.50
N TYR B 286 -3.91 0.60 -21.12
CA TYR B 286 -3.08 1.79 -20.96
C TYR B 286 -3.97 2.90 -20.45
N ASN B 287 -3.65 3.46 -19.27
CA ASN B 287 -4.54 4.40 -18.59
C ASN B 287 -3.81 5.69 -18.27
N THR B 288 -4.44 6.82 -18.62
CA THR B 288 -3.88 8.12 -18.33
C THR B 288 -4.82 9.00 -17.51
N GLU B 289 -6.01 8.54 -17.22
CA GLU B 289 -6.93 9.34 -16.43
C GLU B 289 -6.60 9.22 -14.95
N PRO B 290 -6.99 10.23 -14.15
CA PRO B 290 -6.69 10.21 -12.70
C PRO B 290 -7.68 9.37 -11.91
N LEU B 291 -7.49 8.05 -12.02
CA LEU B 291 -8.44 7.08 -11.48
C LEU B 291 -7.92 6.49 -10.17
N VAL B 292 -8.82 5.79 -9.47
CA VAL B 292 -8.48 5.11 -8.22
C VAL B 292 -8.92 3.65 -8.34
N SER B 293 -8.58 2.85 -7.32
CA SER B 293 -8.67 1.40 -7.49
C SER B 293 -10.10 0.97 -7.84
N ILE B 294 -11.13 1.58 -7.23
CA ILE B 294 -12.50 1.11 -7.47
CA ILE B 294 -12.47 1.05 -7.48
C ILE B 294 -12.89 1.25 -8.94
N ASP B 295 -12.26 2.18 -9.66
CA ASP B 295 -12.60 2.36 -11.07
C ASP B 295 -12.22 1.17 -11.93
N PHE B 296 -11.38 0.26 -11.43
CA PHE B 296 -10.98 -0.95 -12.15
C PHE B 296 -11.73 -2.17 -11.66
N ASN B 297 -12.69 -2.00 -10.76
CA ASN B 297 -13.50 -3.13 -10.33
C ASN B 297 -14.39 -3.61 -11.48
N HIS B 298 -14.42 -4.93 -11.65
CA HIS B 298 -15.13 -5.59 -12.73
C HIS B 298 -14.53 -5.27 -14.11
N ASN B 299 -13.28 -4.88 -14.13
CA ASN B 299 -12.57 -4.71 -15.37
C ASN B 299 -11.89 -6.04 -15.73
N PRO B 300 -12.13 -6.56 -16.93
CA PRO B 300 -11.66 -7.91 -17.27
C PRO B 300 -10.22 -7.99 -17.73
N ALA B 301 -9.50 -6.88 -17.82
CA ALA B 301 -8.10 -6.95 -18.20
C ALA B 301 -7.26 -7.66 -17.12
N SER B 302 -6.14 -8.23 -17.53
CA SER B 302 -5.19 -8.79 -16.58
C SER B 302 -4.32 -7.72 -15.91
N SER B 303 -4.06 -6.63 -16.60
CA SER B 303 -3.08 -5.64 -16.15
C SER B 303 -3.49 -4.28 -16.69
N ASN B 304 -3.86 -3.36 -15.80
CA ASN B 304 -4.29 -2.03 -16.20
C ASN B 304 -3.18 -1.06 -15.84
N PHE B 305 -2.29 -0.82 -16.80
CA PHE B 305 -1.11 -0.02 -16.52
C PHE B 305 -1.51 1.44 -16.32
N ASP B 306 -0.98 2.06 -15.26
CA ASP B 306 -1.34 3.44 -14.92
C ASP B 306 -0.16 4.34 -15.27
N ALA B 307 -0.22 4.91 -16.46
CA ALA B 307 0.88 5.73 -16.95
C ALA B 307 1.09 6.96 -16.10
N THR B 308 0.06 7.38 -15.35
CA THR B 308 0.23 8.58 -14.53
C THR B 308 1.20 8.38 -13.38
N LEU B 309 1.53 7.12 -13.03
CA LEU B 309 2.35 6.82 -11.86
C LEU B 309 3.80 6.53 -12.19
N THR B 310 4.17 6.51 -13.45
CA THR B 310 5.53 6.11 -13.81
C THR B 310 6.56 7.11 -13.29
N LYS B 311 7.66 6.58 -12.77
CA LYS B 311 8.79 7.37 -12.30
C LYS B 311 10.07 6.78 -12.87
N VAL B 312 11.03 7.65 -13.20
CA VAL B 312 12.34 7.23 -13.68
C VAL B 312 13.37 8.11 -13.00
N SER B 313 14.34 7.48 -12.33
CA SER B 313 15.42 8.18 -11.63
C SER B 313 16.69 7.44 -12.02
N GLY B 314 17.37 7.94 -13.04
CA GLY B 314 18.57 7.27 -13.52
C GLY B 314 18.14 6.03 -14.27
N LYS B 315 18.76 4.90 -13.96
CA LYS B 315 18.32 3.64 -14.52
C LYS B 315 17.19 3.01 -13.71
N LEU B 316 16.76 3.61 -12.60
CA LEU B 316 15.74 3.02 -11.77
C LEU B 316 14.36 3.46 -12.24
N VAL B 317 13.49 2.49 -12.51
CA VAL B 317 12.16 2.75 -13.07
C VAL B 317 11.12 2.19 -12.11
N LYS B 318 10.03 2.93 -11.91
CA LYS B 318 8.87 2.39 -11.22
C LYS B 318 7.67 2.47 -12.14
N VAL B 319 6.99 1.34 -12.28
CA VAL B 319 5.76 1.22 -13.04
C VAL B 319 4.72 0.52 -12.18
N SER B 320 3.46 0.91 -12.37
CA SER B 320 2.36 0.47 -11.53
C SER B 320 1.17 0.06 -12.39
N SER B 321 0.51 -1.02 -12.00
CA SER B 321 -0.64 -1.53 -12.75
C SER B 321 -1.73 -2.02 -11.81
N TRP B 322 -2.95 -1.58 -12.06
CA TRP B 322 -4.11 -2.00 -11.31
C TRP B 322 -4.68 -3.27 -11.91
N TYR B 323 -5.23 -4.14 -11.06
CA TYR B 323 -5.89 -5.33 -11.59
C TYR B 323 -7.05 -5.74 -10.71
N ASP B 324 -8.17 -6.08 -11.32
CA ASP B 324 -9.23 -6.74 -10.59
C ASP B 324 -8.74 -8.17 -10.36
N ASN B 325 -8.32 -8.46 -9.14
CA ASN B 325 -7.66 -9.72 -8.84
C ASN B 325 -8.60 -10.91 -8.89
N GLU B 326 -9.90 -10.70 -9.07
CA GLU B 326 -10.87 -11.76 -9.30
C GLU B 326 -11.32 -11.84 -10.75
N TRP B 327 -11.73 -10.70 -11.31
CA TRP B 327 -12.39 -10.68 -12.60
C TRP B 327 -11.42 -10.86 -13.76
N GLY B 328 -10.25 -10.24 -13.71
CA GLY B 328 -9.29 -10.45 -14.77
C GLY B 328 -8.92 -11.92 -14.88
N PHE B 329 -8.62 -12.52 -13.74
CA PHE B 329 -8.20 -13.93 -13.70
C PHE B 329 -9.30 -14.85 -14.19
N SER B 330 -10.55 -14.57 -13.78
CA SER B 330 -11.68 -15.38 -14.21
C SER B 330 -11.82 -15.37 -15.72
N ASN B 331 -11.69 -14.18 -16.33
CA ASN B 331 -11.76 -14.10 -17.78
C ASN B 331 -10.59 -14.82 -18.43
N ARG B 332 -9.38 -14.73 -17.85
CA ARG B 332 -8.24 -15.44 -18.43
C ARG B 332 -8.43 -16.95 -18.36
N MET B 333 -9.14 -17.45 -17.35
CA MET B 333 -9.35 -18.90 -17.31
C MET B 333 -10.08 -19.37 -18.56
N LEU B 334 -11.00 -18.55 -19.08
CA LEU B 334 -11.72 -18.89 -20.29
C LEU B 334 -10.82 -18.80 -21.51
N ASP B 335 -9.98 -17.77 -21.59
CA ASP B 335 -9.04 -17.67 -22.70
C ASP B 335 -8.10 -18.87 -22.70
N THR B 336 -7.60 -19.26 -21.51
CA THR B 336 -6.66 -20.39 -21.45
C THR B 336 -7.35 -21.71 -21.77
N THR B 337 -8.62 -21.86 -21.41
CA THR B 337 -9.35 -23.07 -21.77
C THR B 337 -9.34 -23.28 -23.28
N VAL B 338 -9.61 -22.20 -24.04
CA VAL B 338 -9.67 -22.32 -25.49
C VAL B 338 -8.29 -22.62 -26.04
N ALA B 339 -7.27 -21.91 -25.55
CA ALA B 339 -5.91 -22.10 -26.06
C ALA B 339 -5.41 -23.50 -25.76
N LEU B 340 -5.85 -24.09 -24.64
CA LEU B 340 -5.37 -25.43 -24.30
C LEU B 340 -6.00 -26.49 -25.20
N MET B 341 -7.31 -26.38 -25.46
CA MET B 341 -7.98 -27.31 -26.37
C MET B 341 -7.55 -27.09 -27.82
N SER B 342 -6.95 -25.94 -28.12
CA SER B 342 -6.48 -25.59 -29.46
C SER B 342 -5.02 -25.95 -29.70
N ALA B 343 -4.31 -26.41 -28.68
CA ALA B 343 -2.89 -26.69 -28.84
C ALA B 343 -2.68 -27.94 -29.67
N LYS B 344 -1.69 -27.89 -30.55
CA LYS B 344 -1.35 -29.03 -31.40
C LYS B 344 -0.09 -29.73 -30.89
#